data_6J15
#
_entry.id   6J15
#
_cell.length_a   61.595
_cell.length_b   64.347
_cell.length_c   151.481
_cell.angle_alpha   90.00
_cell.angle_beta   98.04
_cell.angle_gamma   90.00
#
_symmetry.space_group_name_H-M   'P 1 21 1'
#
loop_
_entity.id
_entity.type
_entity.pdbx_description
1 polymer 'Programmed cell death protein 1'
2 polymer 'GY-5 heavy chain Fab'
3 polymer 'GY-5 light chain Fab'
4 branched 2-acetamido-2-deoxy-beta-D-glucopyranose-(1-4)-[alpha-L-fucopyranose-(1-6)]2-acetamido-2-deoxy-beta-D-glucopyranose
5 branched alpha-D-mannopyranose-(1-4)-2-acetamido-2-deoxy-beta-D-glucopyranose-(1-4)-[alpha-L-fucopyranose-(1-6)]2-acetamido-2-deoxy-beta-D-glucopyranose
6 non-polymer 2-acetamido-2-deoxy-beta-D-glucopyranose
#
loop_
_entity_poly.entity_id
_entity_poly.type
_entity_poly.pdbx_seq_one_letter_code
_entity_poly.pdbx_strand_id
1 'polypeptide(L)'
;DGIQWNPPTFSPALLVVTEGDNATFTCSFSNTSESFVLNWYRMSPSNQTDKLAAFPEDRSQPGQDCRFRVTQLPNGRDFH
MSVVRARRNDSGTYLCGAISLAPKAQIKESLRAELRVTER
;
C,D
2 'polypeptide(L)'
;QVQLQQSGPELVRPGVSVKISCKGSGHTFTDYALHWVRQSHVKSLEWIGVISSYNGITNYNQRFKGKATMTVDKSSSTAY
LELARLTSEDSAIYYCSREEWDVFYYFDYWGQGTTLTVSSAKTTPPSVYPLAPGSAAQTNSMVTLGCLVKGYFPEPVTVT
WNSGSLSSGVHTFPAVLQSDLYTLSSSVTVPSSTWPSETVTCNVAHPASSTKVDKKIET
;
H,A
3 'polypeptide(L)'
;DIMLTQSPLSLPVSLGDQASISCRSSQGIVHSDGNTYLEWYLQKPGQSPKLLIYKVSNRFSGVPDRFSGSGSGTDFILKI
SRVEAEDLGVYYCFQGSHVPYTFGGGTKLEIKRADAAPTVSIFPPSSEQLTSGGASVVCFLNNFYPKDINVKWKIDGSER
QNGVLNSWTDQDSKDSTYSMSSTLTLTKDEYERHNSYTCEATHKTSTSPIVKNFNR
;
L,B
#
loop_
_chem_comp.id
_chem_comp.type
_chem_comp.name
_chem_comp.formula
FUC L-saccharide, alpha linking alpha-L-fucopyranose 'C6 H12 O5'
MAN D-saccharide, alpha linking alpha-D-mannopyranose 'C6 H12 O6'
NAG D-saccharide, beta linking 2-acetamido-2-deoxy-beta-D-glucopyranose 'C8 H15 N O6'
#
# COMPACT_ATOMS: atom_id res chain seq x y z
N ILE A 3 -3.16 16.47 5.79
CA ILE A 3 -2.81 17.25 4.62
C ILE A 3 -2.09 16.38 3.60
N GLN A 4 -1.29 15.46 4.08
CA GLN A 4 -0.60 14.50 3.26
C GLN A 4 -0.46 13.41 4.27
N TRP A 5 -1.30 12.40 4.21
CA TRP A 5 -1.22 11.33 5.16
C TRP A 5 -0.91 9.99 4.57
N ASN A 6 -0.19 9.17 5.30
CA ASN A 6 0.04 7.82 4.88
C ASN A 6 -0.15 6.88 6.05
N PRO A 7 -0.70 5.69 5.83
CA PRO A 7 -0.72 4.69 6.89
C PRO A 7 0.68 4.13 7.09
N PRO A 8 0.90 3.28 8.09
CA PRO A 8 2.20 2.60 8.17
C PRO A 8 2.46 1.78 6.90
N THR A 9 3.65 1.97 6.34
CA THR A 9 4.08 1.24 5.16
C THR A 9 4.73 -0.06 5.58
N PHE A 10 4.36 -1.17 4.94
CA PHE A 10 5.04 -2.45 5.14
C PHE A 10 5.53 -2.95 3.78
N SER A 11 6.85 -2.93 3.57
CA SER A 11 7.41 -3.33 2.30
C SER A 11 8.46 -4.42 2.49
N PRO A 12 8.67 -5.26 1.47
CA PRO A 12 7.93 -5.33 0.20
C PRO A 12 6.58 -6.06 0.29
N ALA A 13 5.69 -5.77 -0.65
CA ALA A 13 4.39 -6.42 -0.66
C ALA A 13 4.52 -7.93 -0.86
N LEU A 14 5.58 -8.37 -1.53
CA LEU A 14 5.86 -9.79 -1.68
C LEU A 14 7.34 -10.02 -1.46
N LEU A 15 7.69 -10.80 -0.44
CA LEU A 15 9.08 -11.09 -0.10
C LEU A 15 9.29 -12.60 -0.23
N VAL A 16 10.13 -13.01 -1.18
CA VAL A 16 10.36 -14.42 -1.49
C VAL A 16 11.81 -14.76 -1.16
N VAL A 17 11.99 -15.59 -0.14
CA VAL A 17 13.31 -16.06 0.26
C VAL A 17 13.32 -17.58 0.20
N THR A 18 14.54 -18.13 0.15
CA THR A 18 14.75 -19.56 0.32
C THR A 18 14.81 -19.90 1.80
N GLU A 19 14.35 -21.11 2.15
CA GLU A 19 14.36 -21.51 3.54
C GLU A 19 15.77 -21.54 4.08
N GLY A 20 15.95 -21.06 5.31
CA GLY A 20 17.24 -20.83 5.89
C GLY A 20 17.78 -19.43 5.73
N ASP A 21 17.30 -18.69 4.73
CA ASP A 21 17.67 -17.29 4.56
C ASP A 21 17.00 -16.44 5.64
N ASN A 22 17.61 -15.30 5.93
CA ASN A 22 16.94 -14.26 6.71
C ASN A 22 15.99 -13.50 5.79
N ALA A 23 14.87 -13.03 6.37
CA ALA A 23 13.84 -12.30 5.62
C ALA A 23 13.46 -11.04 6.39
N THR A 24 13.63 -9.88 5.75
CA THR A 24 13.52 -8.59 6.44
C THR A 24 12.54 -7.67 5.73
N PHE A 25 11.40 -7.41 6.38
CA PHE A 25 10.46 -6.37 5.97
C PHE A 25 10.86 -5.01 6.51
N THR A 26 10.42 -3.95 5.81
CA THR A 26 10.58 -2.58 6.26
C THR A 26 9.21 -1.99 6.60
N CYS A 27 9.10 -1.44 7.81
CA CYS A 27 7.90 -0.77 8.28
C CYS A 27 8.20 0.72 8.45
N SER A 28 7.41 1.57 7.80
CA SER A 28 7.54 3.02 7.87
C SER A 28 6.36 3.61 8.61
N PHE A 29 6.63 4.43 9.62
CA PHE A 29 5.58 5.15 10.34
C PHE A 29 6.06 6.55 10.66
N SER A 30 5.32 7.57 10.21
CA SER A 30 5.68 8.94 10.53
C SER A 30 4.91 9.33 11.79
N ASN A 31 5.61 9.41 12.91
CA ASN A 31 4.98 9.69 14.19
C ASN A 31 4.98 11.19 14.45
N THR A 32 3.84 11.70 14.92
CA THR A 32 3.74 13.09 15.32
C THR A 32 3.91 13.29 16.82
N SER A 33 4.04 12.20 17.58
CA SER A 33 4.35 12.26 19.00
C SER A 33 5.35 11.16 19.32
N GLU A 34 5.80 11.12 20.58
CA GLU A 34 6.69 10.06 21.01
C GLU A 34 6.01 8.93 21.77
N SER A 35 4.72 9.03 22.08
CA SER A 35 4.10 7.97 22.88
C SER A 35 3.36 7.06 21.91
N PHE A 36 4.07 6.02 21.49
CA PHE A 36 3.55 5.03 20.56
C PHE A 36 4.44 3.80 20.69
N VAL A 37 3.89 2.68 20.25
CA VAL A 37 4.63 1.43 20.14
C VAL A 37 4.38 0.91 18.73
N LEU A 38 5.34 0.18 18.20
CA LEU A 38 5.23 -0.38 16.86
C LEU A 38 5.19 -1.90 16.93
N ASN A 39 4.15 -2.49 16.37
CA ASN A 39 3.88 -3.91 16.47
C ASN A 39 4.02 -4.60 15.13
N TRP A 40 4.50 -5.83 15.17
CA TRP A 40 4.63 -6.72 14.02
C TRP A 40 3.68 -7.88 14.22
N TYR A 41 2.86 -8.16 13.21
CA TYR A 41 1.83 -9.18 13.33
C TYR A 41 1.91 -10.20 12.21
N ARG A 42 1.37 -11.38 12.50
CA ARG A 42 1.11 -12.39 11.49
C ARG A 42 -0.37 -12.77 11.53
N MET A 43 -0.97 -12.93 10.36
CA MET A 43 -2.37 -13.31 10.28
C MET A 43 -2.56 -14.76 10.67
N SER A 44 -3.48 -15.00 11.59
CA SER A 44 -3.93 -16.34 11.85
C SER A 44 -4.73 -16.84 10.65
N PRO A 45 -4.87 -18.16 10.49
CA PRO A 45 -5.73 -18.68 9.41
C PRO A 45 -7.16 -18.18 9.49
N SER A 46 -7.55 -17.64 10.63
CA SER A 46 -8.87 -17.07 10.87
C SER A 46 -8.94 -15.61 10.41
N ASN A 47 -7.94 -15.16 9.65
CA ASN A 47 -7.87 -13.79 9.14
C ASN A 47 -7.94 -12.83 10.34
N GLN A 48 -7.11 -13.16 11.35
CA GLN A 48 -7.01 -12.46 12.64
C GLN A 48 -5.56 -12.09 12.84
N THR A 49 -5.18 -11.67 14.04
CA THR A 49 -3.92 -10.97 14.22
C THR A 49 -3.18 -11.49 15.46
N ASP A 50 -1.96 -12.01 15.25
CA ASP A 50 -1.11 -12.51 16.33
C ASP A 50 0.16 -11.68 16.42
N LYS A 51 0.61 -11.40 17.64
CA LYS A 51 1.73 -10.50 17.89
C LYS A 51 3.04 -11.29 17.85
N LEU A 52 3.90 -10.97 16.87
CA LEU A 52 5.23 -11.57 16.76
C LEU A 52 6.28 -10.88 17.60
N ALA A 53 6.27 -9.55 17.64
CA ALA A 53 7.33 -8.76 18.27
C ALA A 53 6.94 -7.30 18.18
N ALA A 54 7.57 -6.49 19.03
CA ALA A 54 7.25 -5.08 19.10
C ALA A 54 8.53 -4.28 19.23
N PHE A 55 8.45 -3.00 18.92
CA PHE A 55 9.50 -2.10 19.38
C PHE A 55 8.86 -0.99 20.20
N PRO A 56 9.45 -0.68 21.36
CA PRO A 56 10.52 -1.40 22.07
C PRO A 56 10.11 -2.86 22.39
N GLU A 57 11.07 -3.77 22.57
CA GLU A 57 10.74 -5.19 22.78
C GLU A 57 10.00 -5.40 24.10
N CYS A 66 12.08 -15.11 19.88
CA CYS A 66 13.46 -14.69 19.72
C CYS A 66 13.85 -14.65 18.25
N ARG A 67 13.14 -15.44 17.44
CA ARG A 67 13.40 -15.54 16.02
C ARG A 67 12.79 -14.39 15.22
N PHE A 68 11.96 -13.56 15.85
CA PHE A 68 11.35 -12.40 15.22
C PHE A 68 11.84 -11.16 15.94
N ARG A 69 12.53 -10.28 15.22
CA ARG A 69 13.08 -9.11 15.87
C ARG A 69 12.80 -7.85 15.07
N VAL A 70 12.64 -6.77 15.81
CA VAL A 70 12.32 -5.45 15.30
C VAL A 70 13.45 -4.52 15.71
N THR A 71 14.08 -3.87 14.73
CA THR A 71 15.11 -2.88 14.99
C THR A 71 14.66 -1.53 14.44
N GLN A 72 14.98 -0.48 15.17
CA GLN A 72 14.59 0.89 14.83
C GLN A 72 15.77 1.59 14.17
N LEU A 73 15.56 2.03 12.93
CA LEU A 73 16.63 2.60 12.11
C LEU A 73 16.87 4.06 12.49
N PRO A 74 18.03 4.63 12.09
CA PRO A 74 18.42 5.94 12.63
C PRO A 74 17.49 7.08 12.25
N ASN A 75 16.73 6.96 11.16
CA ASN A 75 16.05 8.09 10.55
C ASN A 75 14.70 8.41 11.19
N GLY A 76 14.32 7.72 12.27
CA GLY A 76 13.12 8.08 13.00
C GLY A 76 11.83 7.78 12.29
N ARG A 77 11.87 6.99 11.23
CA ARG A 77 10.69 6.62 10.46
C ARG A 77 10.62 5.11 10.31
N ASP A 78 11.71 4.52 9.83
CA ASP A 78 11.73 3.14 9.37
C ASP A 78 12.18 2.16 10.45
N PHE A 79 11.60 0.97 10.40
CA PHE A 79 11.93 -0.14 11.28
C PHE A 79 12.14 -1.38 10.42
N HIS A 80 12.95 -2.30 10.92
CA HIS A 80 13.21 -3.55 10.22
C HIS A 80 12.67 -4.71 11.06
N MET A 81 11.73 -5.44 10.47
CA MET A 81 11.21 -6.69 11.04
C MET A 81 11.81 -7.84 10.26
N SER A 82 12.64 -8.64 10.92
CA SER A 82 13.38 -9.70 10.27
C SER A 82 13.01 -11.05 10.89
N VAL A 83 12.65 -12.00 10.05
CA VAL A 83 12.58 -13.40 10.43
C VAL A 83 13.98 -13.98 10.26
N VAL A 84 14.54 -14.52 11.33
CA VAL A 84 15.85 -15.15 11.27
C VAL A 84 15.68 -16.60 10.86
N ARG A 85 16.42 -17.01 9.83
CA ARG A 85 16.42 -18.38 9.32
C ARG A 85 15.01 -18.86 9.01
N ALA A 86 14.38 -18.19 8.05
CA ALA A 86 12.98 -18.47 7.73
C ALA A 86 12.77 -19.94 7.36
N ARG A 87 11.74 -20.54 7.94
CA ARG A 87 11.33 -21.89 7.62
C ARG A 87 10.14 -21.83 6.67
N ARG A 88 9.68 -22.98 6.23
CA ARG A 88 8.63 -22.99 5.22
C ARG A 88 7.24 -22.81 5.84
N ASN A 89 7.07 -23.13 7.12
CA ASN A 89 5.79 -22.80 7.74
C ASN A 89 5.76 -21.36 8.24
N ASP A 90 6.79 -20.57 7.92
CA ASP A 90 6.74 -19.12 8.10
C ASP A 90 5.98 -18.39 7.00
N SER A 91 5.66 -19.06 5.89
CA SER A 91 4.99 -18.39 4.78
C SER A 91 3.56 -18.01 5.18
N GLY A 92 3.16 -16.81 4.80
CA GLY A 92 1.86 -16.33 5.22
C GLY A 92 1.76 -14.82 5.07
N THR A 93 0.86 -14.24 5.85
CA THR A 93 0.51 -12.84 5.76
C THR A 93 1.09 -12.07 6.94
N TYR A 94 1.63 -10.88 6.65
CA TYR A 94 2.29 -10.07 7.66
C TYR A 94 1.88 -8.61 7.49
N LEU A 95 1.89 -7.90 8.61
CA LEU A 95 1.64 -6.47 8.63
C LEU A 95 2.30 -5.92 9.88
N CYS A 96 2.47 -4.61 9.90
CA CYS A 96 2.90 -3.93 11.10
C CYS A 96 1.80 -2.99 11.53
N GLY A 97 1.85 -2.56 12.78
CA GLY A 97 0.88 -1.57 13.17
C GLY A 97 1.44 -0.63 14.21
N ALA A 98 0.89 0.56 14.22
CA ALA A 98 1.42 1.67 15.00
C ALA A 98 0.35 2.05 16.00
N ILE A 99 0.63 1.81 17.27
CA ILE A 99 -0.31 2.08 18.34
C ILE A 99 0.17 3.38 18.97
N SER A 100 -0.54 4.47 18.69
CA SER A 100 -0.18 5.78 19.22
C SER A 100 -1.34 6.31 20.05
N LEU A 101 -1.03 6.72 21.27
CA LEU A 101 -2.01 7.16 22.26
C LEU A 101 -2.42 8.61 22.08
N ALA A 102 -1.49 9.45 21.66
CA ALA A 102 -1.75 10.86 21.41
C ALA A 102 -0.86 11.37 20.28
N PRO A 103 -1.33 12.36 19.52
CA PRO A 103 -2.71 12.84 19.53
C PRO A 103 -3.73 11.86 18.91
N LYS A 104 -4.87 11.74 19.59
CA LYS A 104 -6.08 11.03 19.16
C LYS A 104 -6.00 9.49 19.19
N ALA A 105 -5.13 8.89 19.99
CA ALA A 105 -5.27 7.48 20.36
C ALA A 105 -5.68 6.54 19.22
N GLN A 106 -4.77 6.24 18.29
CA GLN A 106 -5.14 5.47 17.11
C GLN A 106 -4.28 4.22 16.98
N ILE A 107 -4.87 3.18 16.40
CA ILE A 107 -4.14 1.96 16.04
C ILE A 107 -4.16 1.86 14.52
N LYS A 108 -3.00 2.08 13.90
CA LYS A 108 -2.88 2.15 12.45
C LYS A 108 -2.12 0.95 11.94
N GLU A 109 -2.78 0.14 11.11
CA GLU A 109 -2.19 -1.08 10.58
C GLU A 109 -1.76 -0.87 9.13
N SER A 110 -0.63 -1.46 8.78
CA SER A 110 -0.18 -1.47 7.40
C SER A 110 -1.05 -2.41 6.58
N LEU A 111 -1.04 -2.20 5.27
CA LEU A 111 -1.60 -3.20 4.38
C LEU A 111 -0.72 -4.44 4.42
N ARG A 112 -1.34 -5.58 4.15
CA ARG A 112 -0.69 -6.85 4.40
C ARG A 112 0.39 -7.13 3.36
N ALA A 113 1.34 -7.97 3.74
CA ALA A 113 2.41 -8.42 2.86
C ALA A 113 2.51 -9.93 2.93
N GLU A 114 2.99 -10.54 1.86
CA GLU A 114 3.19 -11.99 1.82
C GLU A 114 4.67 -12.31 1.93
N LEU A 115 5.00 -13.19 2.88
CA LEU A 115 6.29 -13.85 2.91
C LEU A 115 6.13 -15.23 2.29
N ARG A 116 7.03 -15.55 1.35
CA ARG A 116 6.97 -16.82 0.63
C ARG A 116 8.33 -17.48 0.76
N VAL A 117 8.38 -18.58 1.50
CA VAL A 117 9.62 -19.29 1.77
C VAL A 117 9.63 -20.52 0.86
N THR A 118 10.55 -20.56 -0.09
CA THR A 118 10.57 -21.60 -1.10
C THR A 118 11.50 -22.75 -0.68
N GLU A 119 11.13 -23.97 -1.09
CA GLU A 119 11.89 -25.16 -0.77
C GLU A 119 13.34 -25.03 -1.21
N ARG A 120 14.25 -25.59 -0.41
CA ARG A 120 15.66 -25.62 -0.75
C ARG A 120 16.09 -27.03 -1.19
N ASP B 1 18.74 -16.57 -2.70
CA ASP B 1 18.40 -15.82 -3.90
C ASP B 1 17.22 -14.91 -3.61
N GLY B 2 16.06 -15.24 -4.14
CA GLY B 2 14.87 -14.45 -3.89
C GLY B 2 14.66 -13.05 -4.44
N ILE B 3 13.41 -12.67 -4.52
CA ILE B 3 13.01 -11.41 -5.02
C ILE B 3 12.15 -10.66 -4.04
N GLN B 4 12.11 -9.36 -4.16
CA GLN B 4 11.25 -8.49 -3.39
C GLN B 4 10.40 -7.70 -4.34
N TRP B 5 9.11 -7.87 -4.36
CA TRP B 5 8.27 -7.20 -5.30
C TRP B 5 7.32 -6.23 -4.75
N ASN B 6 7.16 -5.12 -5.42
CA ASN B 6 6.21 -4.12 -5.01
C ASN B 6 5.39 -3.67 -6.20
N PRO B 7 4.09 -3.45 -6.02
CA PRO B 7 3.30 -2.76 -7.04
C PRO B 7 3.75 -1.32 -7.14
N PRO B 8 3.20 -0.55 -8.09
CA PRO B 8 3.53 0.87 -8.13
C PRO B 8 3.04 1.57 -6.86
N THR B 9 3.88 2.46 -6.35
CA THR B 9 3.49 3.31 -5.23
C THR B 9 2.71 4.50 -5.75
N PHE B 10 1.54 4.76 -5.17
CA PHE B 10 0.84 6.02 -5.39
C PHE B 10 0.63 6.69 -4.05
N SER B 11 1.38 7.75 -3.78
CA SER B 11 1.38 8.39 -2.47
C SER B 11 1.30 9.90 -2.62
N PRO B 12 0.78 10.59 -1.59
CA PRO B 12 0.26 10.11 -0.30
C PRO B 12 -1.11 9.42 -0.38
N ALA B 13 -1.38 8.53 0.59
CA ALA B 13 -2.65 7.81 0.60
C ALA B 13 -3.85 8.74 0.79
N LEU B 14 -3.64 9.86 1.47
CA LEU B 14 -4.63 10.93 1.54
C LEU B 14 -3.93 12.23 1.25
N LEU B 15 -4.35 12.91 0.18
CA LEU B 15 -3.81 14.21 -0.20
C LEU B 15 -4.92 15.24 -0.03
N VAL B 16 -4.73 16.16 0.92
CA VAL B 16 -5.72 17.18 1.24
C VAL B 16 -5.16 18.53 0.83
N VAL B 17 -5.85 19.18 -0.10
CA VAL B 17 -5.40 20.39 -0.77
C VAL B 17 -6.52 21.42 -0.71
N THR B 18 -6.15 22.70 -0.75
CA THR B 18 -7.14 23.77 -0.66
C THR B 18 -7.41 24.34 -2.06
N GLU B 19 -8.69 24.61 -2.34
CA GLU B 19 -9.13 24.77 -3.73
C GLU B 19 -8.33 25.85 -4.44
N GLY B 20 -7.91 25.54 -5.66
CA GLY B 20 -7.01 26.39 -6.41
C GLY B 20 -5.56 26.00 -6.32
N ASP B 21 -5.19 25.16 -5.34
CA ASP B 21 -3.82 24.69 -5.22
C ASP B 21 -3.53 23.57 -6.20
N ASN B 22 -2.24 23.39 -6.49
CA ASN B 22 -1.76 22.20 -7.19
C ASN B 22 -1.73 21.02 -6.23
N ALA B 23 -2.35 19.91 -6.63
CA ALA B 23 -2.34 18.68 -5.85
C ALA B 23 -1.47 17.65 -6.56
N THR B 24 -0.29 17.37 -6.00
CA THR B 24 0.71 16.54 -6.64
C THR B 24 0.82 15.21 -5.91
N PHE B 25 0.38 14.13 -6.55
CA PHE B 25 0.72 12.77 -6.17
C PHE B 25 2.09 12.39 -6.73
N THR B 26 2.74 11.41 -6.08
CA THR B 26 3.97 10.83 -6.59
C THR B 26 3.74 9.34 -6.86
N CYS B 27 3.85 8.95 -8.14
CA CYS B 27 3.82 7.55 -8.53
C CYS B 27 5.25 7.03 -8.65
N SER B 28 5.45 5.82 -8.15
CA SER B 28 6.77 5.17 -8.15
C SER B 28 6.65 3.80 -8.79
N PHE B 29 7.50 3.54 -9.77
CA PHE B 29 7.51 2.26 -10.47
C PHE B 29 8.96 1.84 -10.64
N SER B 30 9.29 0.60 -10.25
CA SER B 30 10.65 0.12 -10.46
C SER B 30 10.56 -0.70 -11.73
N ASN B 31 10.94 -0.08 -12.84
CA ASN B 31 10.91 -0.75 -14.12
C ASN B 31 12.16 -1.60 -14.24
N THR B 32 11.97 -2.84 -14.67
CA THR B 32 13.14 -3.66 -14.99
C THR B 32 13.57 -3.49 -16.45
N SER B 33 12.70 -2.92 -17.29
CA SER B 33 13.02 -2.62 -18.67
C SER B 33 12.53 -1.22 -18.99
N GLU B 34 12.79 -0.80 -20.22
CA GLU B 34 12.34 0.50 -20.70
C GLU B 34 11.04 0.46 -21.48
N SER B 35 10.40 -0.70 -21.63
CA SER B 35 9.20 -0.75 -22.46
C SER B 35 8.01 -0.67 -21.51
N PHE B 36 7.60 0.56 -21.22
CA PHE B 36 6.45 0.76 -20.34
C PHE B 36 5.88 2.15 -20.54
N VAL B 37 4.57 2.23 -20.40
CA VAL B 37 3.84 3.49 -20.36
C VAL B 37 3.20 3.57 -18.99
N LEU B 38 3.19 4.77 -18.40
CA LEU B 38 2.65 4.98 -17.06
C LEU B 38 1.38 5.79 -17.16
N ASN B 39 0.30 5.28 -16.55
CA ASN B 39 -1.04 5.81 -16.77
C ASN B 39 -1.69 6.20 -15.46
N TRP B 40 -2.16 7.44 -15.40
CA TRP B 40 -2.84 7.99 -14.23
C TRP B 40 -4.34 7.88 -14.43
N TYR B 41 -5.04 7.27 -13.48
CA TYR B 41 -6.48 7.03 -13.58
C TYR B 41 -7.21 7.74 -12.45
N ARG B 42 -8.54 7.58 -12.46
CA ARG B 42 -9.41 8.05 -11.39
C ARG B 42 -10.64 7.16 -11.35
N MET B 43 -11.20 6.95 -10.17
CA MET B 43 -12.36 6.15 -10.09
C MET B 43 -13.55 7.00 -9.75
N THR B 49 -13.23 3.44 -14.17
CA THR B 49 -11.80 3.72 -14.26
C THR B 49 -11.47 4.52 -15.52
N ASP B 50 -11.13 5.79 -15.32
CA ASP B 50 -10.97 6.75 -16.40
C ASP B 50 -9.53 7.23 -16.47
N LYS B 51 -8.92 7.10 -17.66
CA LYS B 51 -7.56 7.57 -17.87
C LYS B 51 -7.55 9.09 -17.95
N LEU B 52 -6.77 9.72 -17.08
CA LEU B 52 -6.60 11.18 -17.11
C LEU B 52 -5.45 11.55 -18.03
N ALA B 53 -4.25 11.32 -17.58
CA ALA B 53 -3.04 11.57 -18.36
C ALA B 53 -2.30 10.26 -18.53
N ALA B 54 -1.14 10.35 -19.15
CA ALA B 54 -0.21 9.22 -19.26
C ALA B 54 1.17 9.82 -19.48
N PHE B 55 2.18 9.01 -19.22
CA PHE B 55 3.49 9.37 -19.69
C PHE B 55 4.02 8.20 -20.49
N PRO B 56 4.62 8.48 -21.66
CA PRO B 56 4.67 9.81 -22.29
C PRO B 56 3.32 10.23 -22.88
N CYS B 66 -5.95 18.14 -19.76
CA CYS B 66 -5.57 19.56 -19.82
C CYS B 66 -4.82 19.92 -18.55
N ARG B 67 -5.54 19.88 -17.43
CA ARG B 67 -4.98 20.23 -16.14
C ARG B 67 -4.16 19.11 -15.52
N PHE B 68 -4.35 17.87 -15.96
CA PHE B 68 -3.73 16.72 -15.31
C PHE B 68 -2.41 16.43 -16.02
N ARG B 69 -1.31 16.77 -15.36
CA ARG B 69 0.02 16.75 -15.95
C ARG B 69 0.85 15.69 -15.23
N VAL B 70 1.35 14.73 -15.99
CA VAL B 70 2.29 13.74 -15.47
C VAL B 70 3.69 14.15 -15.92
N THR B 71 4.56 14.43 -14.97
CA THR B 71 5.98 14.65 -15.25
C THR B 71 6.81 13.57 -14.59
N GLN B 72 7.84 13.13 -15.29
CA GLN B 72 8.76 12.11 -14.79
C GLN B 72 9.99 12.79 -14.21
N LEU B 73 10.39 12.37 -13.02
CA LEU B 73 11.53 12.94 -12.32
C LEU B 73 12.82 12.29 -12.78
N PRO B 74 13.99 12.95 -12.62
CA PRO B 74 15.19 12.37 -13.22
C PRO B 74 15.90 11.39 -12.30
N ASN B 75 15.14 10.59 -11.54
CA ASN B 75 15.67 9.44 -10.84
C ASN B 75 15.30 8.12 -11.51
N GLY B 76 14.61 8.17 -12.65
CA GLY B 76 14.18 6.97 -13.36
C GLY B 76 13.12 6.15 -12.67
N ARG B 77 12.53 6.67 -11.60
CA ARG B 77 11.64 5.92 -10.74
C ARG B 77 10.34 6.68 -10.51
N ASP B 78 10.46 7.92 -10.03
CA ASP B 78 9.32 8.69 -9.55
C ASP B 78 8.73 9.59 -10.62
N PHE B 79 7.41 9.72 -10.57
CA PHE B 79 6.63 10.55 -11.46
C PHE B 79 5.70 11.41 -10.62
N HIS B 80 5.56 12.67 -11.00
CA HIS B 80 4.62 13.56 -10.35
C HIS B 80 3.32 13.60 -11.14
N MET B 81 2.21 13.32 -10.47
CA MET B 81 0.89 13.46 -11.05
C MET B 81 0.24 14.66 -10.36
N SER B 82 0.17 15.80 -11.06
CA SER B 82 -0.24 17.05 -10.44
C SER B 82 -1.47 17.59 -11.15
N VAL B 83 -2.59 17.63 -10.43
CA VAL B 83 -3.71 18.46 -10.82
C VAL B 83 -3.33 19.92 -10.61
N VAL B 84 -3.64 20.77 -11.58
CA VAL B 84 -3.47 22.21 -11.41
C VAL B 84 -4.83 22.83 -11.14
N ARG B 85 -4.83 23.81 -10.23
CA ARG B 85 -6.06 24.45 -9.73
C ARG B 85 -7.12 23.41 -9.38
N ALA B 86 -6.82 22.68 -8.31
CA ALA B 86 -7.74 21.70 -7.78
C ALA B 86 -9.09 22.37 -7.49
N ARG B 87 -10.15 21.69 -7.90
CA ARG B 87 -11.52 22.11 -7.72
C ARG B 87 -12.24 21.06 -6.87
N ARG B 88 -13.15 21.53 -6.03
CA ARG B 88 -13.93 20.69 -5.12
C ARG B 88 -14.35 19.32 -5.67
N ASN B 89 -14.93 19.29 -6.86
CA ASN B 89 -15.39 18.01 -7.39
C ASN B 89 -14.27 17.21 -8.04
N ASP B 90 -13.04 17.73 -8.02
CA ASP B 90 -11.87 16.87 -8.26
C ASP B 90 -11.72 15.82 -7.17
N SER B 91 -12.34 16.04 -6.01
CA SER B 91 -12.29 15.09 -4.92
C SER B 91 -12.73 13.71 -5.40
N GLY B 92 -11.93 12.70 -5.09
CA GLY B 92 -12.27 11.35 -5.53
C GLY B 92 -11.15 10.37 -5.29
N THR B 93 -11.19 9.28 -6.07
CA THR B 93 -10.27 8.17 -5.96
C THR B 93 -9.29 8.23 -7.12
N TYR B 94 -8.01 7.94 -6.85
CA TYR B 94 -6.99 7.95 -7.90
C TYR B 94 -6.01 6.80 -7.71
N LEU B 95 -5.40 6.42 -8.82
CA LEU B 95 -4.33 5.43 -8.86
C LEU B 95 -3.50 5.66 -10.11
N CYS B 96 -2.29 5.11 -10.10
CA CYS B 96 -1.50 5.01 -11.31
C CYS B 96 -1.35 3.55 -11.64
N GLY B 97 -1.02 3.27 -12.89
CA GLY B 97 -0.79 1.90 -13.31
C GLY B 97 0.32 1.87 -14.32
N ALA B 98 0.99 0.73 -14.36
CA ALA B 98 2.20 0.56 -15.13
C ALA B 98 1.94 -0.55 -16.13
N ILE B 99 2.03 -0.22 -17.40
CA ILE B 99 1.83 -1.16 -18.48
C ILE B 99 3.21 -1.42 -19.07
N SER B 100 3.76 -2.60 -18.79
CA SER B 100 5.10 -2.94 -19.24
C SER B 100 4.99 -4.14 -20.17
N LEU B 101 5.64 -4.03 -21.34
CA LEU B 101 5.56 -5.06 -22.37
C LEU B 101 6.50 -6.22 -22.08
N ALA B 102 7.70 -5.92 -21.61
CA ALA B 102 8.69 -6.95 -21.33
C ALA B 102 9.47 -6.55 -20.08
N PRO B 103 9.97 -7.54 -19.34
CA PRO B 103 9.60 -8.95 -19.51
C PRO B 103 8.18 -9.25 -18.98
N LYS B 104 7.38 -10.00 -19.77
CA LYS B 104 6.12 -10.69 -19.45
C LYS B 104 4.82 -9.88 -19.63
N ALA B 105 4.86 -8.64 -20.14
CA ALA B 105 3.68 -7.97 -20.67
C ALA B 105 2.52 -7.99 -19.67
N GLN B 106 2.65 -7.15 -18.63
CA GLN B 106 1.64 -7.11 -17.58
C GLN B 106 1.20 -5.67 -17.29
N ILE B 107 -0.04 -5.53 -16.83
CA ILE B 107 -0.55 -4.27 -16.29
C ILE B 107 -0.65 -4.41 -14.78
N LYS B 108 0.02 -3.54 -14.06
CA LYS B 108 0.09 -3.60 -12.60
C LYS B 108 -0.34 -2.25 -12.05
N GLU B 109 -1.44 -2.24 -11.30
CA GLU B 109 -2.02 -1.00 -10.80
C GLU B 109 -1.67 -0.77 -9.34
N SER B 110 -1.39 0.49 -9.03
CA SER B 110 -1.05 0.92 -7.67
C SER B 110 -2.24 0.82 -6.75
N LEU B 111 -1.96 0.90 -5.45
CA LEU B 111 -3.01 1.13 -4.46
C LEU B 111 -3.66 2.48 -4.71
N ARG B 112 -4.93 2.57 -4.31
CA ARG B 112 -5.73 3.76 -4.54
C ARG B 112 -5.60 4.84 -3.47
N ALA B 113 -5.26 6.04 -3.93
CA ALA B 113 -5.13 7.20 -3.06
C ALA B 113 -6.33 8.12 -3.26
N GLU B 114 -6.69 8.84 -2.20
CA GLU B 114 -7.80 9.76 -2.23
C GLU B 114 -7.30 11.20 -2.29
N LEU B 115 -8.02 12.04 -3.03
CA LEU B 115 -7.78 13.48 -3.06
C LEU B 115 -8.93 14.20 -2.37
N ARG B 116 -8.59 15.16 -1.52
CA ARG B 116 -9.57 16.01 -0.86
C ARG B 116 -9.20 17.45 -1.10
N VAL B 117 -10.09 18.19 -1.76
CA VAL B 117 -9.88 19.61 -1.97
C VAL B 117 -10.81 20.36 -1.03
N THR B 118 -10.23 21.21 -0.19
CA THR B 118 -11.00 22.01 0.76
C THR B 118 -11.37 23.37 0.18
N GLU B 119 -12.45 23.94 0.68
CA GLU B 119 -12.92 25.25 0.21
C GLU B 119 -12.25 26.38 0.99
N ARG B 120 -11.72 27.36 0.28
CA ARG B 120 -11.06 28.50 0.91
C ARG B 120 -12.05 29.35 1.68
N LEU C 4 -1.55 -14.88 -36.46
CA LEU C 4 -2.27 -16.05 -36.99
C LEU C 4 -1.78 -16.46 -38.38
N GLN C 5 -1.75 -15.51 -39.31
CA GLN C 5 -1.53 -15.78 -40.71
C GLN C 5 -0.47 -14.82 -41.25
N GLN C 6 0.64 -15.37 -41.74
CA GLN C 6 1.83 -14.61 -42.10
C GLN C 6 2.01 -14.55 -43.62
N SER C 7 2.85 -13.61 -44.04
CA SER C 7 3.16 -13.40 -45.45
C SER C 7 3.76 -14.67 -46.06
N GLY C 8 3.70 -14.75 -47.39
CA GLY C 8 4.23 -15.87 -48.08
C GLY C 8 5.74 -15.84 -48.11
N PRO C 9 6.33 -16.87 -48.70
CA PRO C 9 7.80 -16.97 -48.70
C PRO C 9 8.43 -15.90 -49.56
N GLU C 10 9.63 -15.49 -49.15
CA GLU C 10 10.37 -14.45 -49.86
C GLU C 10 11.74 -14.97 -50.26
N LEU C 11 12.17 -14.57 -51.44
CA LEU C 11 13.52 -14.85 -51.94
C LEU C 11 14.13 -13.50 -52.31
N VAL C 12 15.14 -13.08 -51.54
CA VAL C 12 15.73 -11.77 -51.72
C VAL C 12 17.23 -11.90 -51.95
N ARG C 13 17.78 -10.88 -52.52
CA ARG C 13 19.18 -10.67 -52.84
C ARG C 13 19.88 -10.04 -51.64
N PRO C 14 21.14 -10.38 -51.39
CA PRO C 14 21.84 -9.77 -50.25
C PRO C 14 21.86 -8.25 -50.36
N GLY C 15 21.73 -7.61 -49.20
CA GLY C 15 21.80 -6.17 -49.11
C GLY C 15 20.48 -5.45 -49.20
N VAL C 16 19.42 -6.10 -49.68
CA VAL C 16 18.11 -5.48 -49.78
C VAL C 16 17.42 -5.65 -48.43
N SER C 17 16.20 -5.14 -48.31
CA SER C 17 15.39 -5.30 -47.11
C SER C 17 14.02 -5.86 -47.48
N VAL C 18 13.33 -6.41 -46.48
CA VAL C 18 12.03 -7.02 -46.70
C VAL C 18 11.14 -6.76 -45.48
N LYS C 19 9.84 -6.61 -45.75
CA LYS C 19 8.81 -6.52 -44.73
C LYS C 19 7.91 -7.74 -44.86
N ILE C 20 7.82 -8.52 -43.80
CA ILE C 20 6.89 -9.64 -43.76
C ILE C 20 5.80 -9.28 -42.76
N SER C 21 4.63 -9.85 -42.95
CA SER C 21 3.44 -9.42 -42.24
C SER C 21 2.87 -10.58 -41.43
N CYS C 22 2.21 -10.25 -40.32
CA CYS C 22 1.53 -11.19 -39.44
C CYS C 22 0.17 -10.58 -39.22
N LYS C 23 -0.88 -11.26 -39.65
CA LYS C 23 -2.24 -10.75 -39.48
C LYS C 23 -3.04 -11.61 -38.52
N GLY C 24 -3.79 -10.99 -37.62
CA GLY C 24 -4.56 -11.76 -36.67
C GLY C 24 -6.03 -11.50 -36.86
N ASP C 31 -5.62 -6.11 -28.22
CA ASP C 31 -5.36 -6.38 -26.82
C ASP C 31 -4.40 -7.56 -26.63
N TYR C 32 -3.32 -7.52 -27.38
CA TYR C 32 -2.35 -8.57 -27.35
C TYR C 32 -0.97 -8.07 -27.64
N ALA C 33 0.04 -8.63 -26.99
CA ALA C 33 1.42 -8.41 -27.40
C ALA C 33 1.81 -9.44 -28.45
N LEU C 34 2.64 -9.03 -29.38
CA LEU C 34 3.05 -9.85 -30.47
C LEU C 34 4.53 -10.07 -30.53
N HIS C 35 4.93 -11.30 -30.80
CA HIS C 35 6.34 -11.62 -30.77
C HIS C 35 6.79 -12.15 -32.13
N TRP C 36 8.07 -11.94 -32.42
CA TRP C 36 8.73 -12.50 -33.60
C TRP C 36 9.82 -13.45 -33.12
N VAL C 37 9.83 -14.64 -33.72
CA VAL C 37 10.72 -15.71 -33.31
C VAL C 37 11.35 -16.27 -34.58
N ARG C 38 12.68 -16.38 -34.57
CA ARG C 38 13.41 -16.82 -35.74
C ARG C 38 13.95 -18.22 -35.51
N GLN C 39 13.80 -19.07 -36.53
CA GLN C 39 14.31 -20.43 -36.50
C GLN C 39 15.24 -20.61 -37.69
N SER C 40 16.50 -20.91 -37.40
CA SER C 40 17.48 -21.07 -38.46
C SER C 40 17.46 -22.52 -38.94
N HIS C 41 18.25 -22.81 -39.98
CA HIS C 41 18.24 -24.12 -40.62
C HIS C 41 18.74 -25.23 -39.72
N VAL C 42 19.37 -24.89 -38.60
CA VAL C 42 19.82 -25.85 -37.59
C VAL C 42 18.75 -26.04 -36.50
N LYS C 43 17.53 -25.56 -36.77
CA LYS C 43 16.39 -25.53 -35.85
C LYS C 43 16.76 -25.17 -34.41
N SER C 44 17.15 -23.92 -34.28
CA SER C 44 17.41 -23.28 -33.00
C SER C 44 16.54 -22.04 -32.97
N LEU C 45 15.65 -21.97 -32.00
CA LEU C 45 14.75 -20.82 -31.93
C LEU C 45 15.42 -19.73 -31.12
N GLU C 46 15.19 -18.49 -31.57
CA GLU C 46 15.70 -17.26 -31.01
C GLU C 46 14.68 -16.14 -31.04
N TRP C 47 14.50 -15.43 -29.94
CA TRP C 47 13.50 -14.39 -29.84
C TRP C 47 14.07 -13.10 -30.42
N ILE C 48 13.25 -12.44 -31.23
CA ILE C 48 13.65 -11.25 -31.95
C ILE C 48 13.20 -10.02 -31.18
N GLY C 49 11.90 -9.91 -30.96
CA GLY C 49 11.41 -8.82 -30.14
C GLY C 49 9.92 -8.97 -29.91
N VAL C 50 9.37 -7.98 -29.22
CA VAL C 50 7.94 -7.92 -28.93
C VAL C 50 7.42 -6.52 -29.25
N ILE C 51 6.20 -6.46 -29.76
CA ILE C 51 5.49 -5.21 -30.04
C ILE C 51 4.09 -5.33 -29.44
N SER C 52 3.57 -4.20 -28.96
CA SER C 52 2.21 -4.14 -28.43
C SER C 52 1.28 -3.52 -29.46
N SER C 53 0.19 -4.24 -29.78
CA SER C 53 -0.73 -3.77 -30.82
C SER C 53 -1.35 -2.42 -30.46
N TYR C 54 -1.71 -2.20 -29.19
CA TYR C 54 -2.54 -1.04 -28.92
C TYR C 54 -1.76 0.28 -28.82
N ASN C 55 -0.47 0.24 -28.60
CA ASN C 55 0.24 1.50 -28.53
C ASN C 55 1.63 1.49 -29.09
N GLY C 56 1.96 0.53 -29.95
CA GLY C 56 3.27 0.47 -30.59
C GLY C 56 4.56 0.52 -29.80
N ILE C 57 4.43 0.08 -28.55
CA ILE C 57 5.54 0.00 -27.62
C ILE C 57 6.33 -1.22 -28.03
N THR C 58 7.65 -1.13 -27.97
CA THR C 58 8.47 -2.23 -28.42
C THR C 58 9.64 -2.60 -27.56
N ASN C 59 10.02 -3.85 -27.63
CA ASN C 59 11.23 -4.30 -26.94
C ASN C 59 11.99 -5.22 -27.87
N TYR C 60 13.25 -4.89 -28.16
CA TYR C 60 14.06 -5.64 -29.10
C TYR C 60 15.10 -6.45 -28.35
N ASN C 61 15.26 -7.70 -28.76
CA ASN C 61 16.48 -8.43 -28.42
C ASN C 61 17.68 -7.64 -28.96
N GLN C 62 18.63 -7.33 -28.07
CA GLN C 62 19.80 -6.56 -28.48
C GLN C 62 20.50 -7.22 -29.66
N ARG C 63 20.39 -8.55 -29.76
CA ARG C 63 20.98 -9.28 -30.87
C ARG C 63 20.44 -8.77 -32.21
N PHE C 64 19.16 -8.42 -32.26
CA PHE C 64 18.53 -7.98 -33.51
C PHE C 64 18.32 -6.47 -33.60
N LYS C 65 18.76 -5.72 -32.60
CA LYS C 65 18.59 -4.27 -32.63
C LYS C 65 19.31 -3.62 -33.82
N GLY C 66 18.54 -2.99 -34.71
CA GLY C 66 19.08 -2.33 -35.87
C GLY C 66 18.99 -3.12 -37.17
N LYS C 67 19.04 -4.45 -37.10
CA LYS C 67 18.75 -5.26 -38.27
C LYS C 67 17.24 -5.48 -38.44
N ALA C 68 16.46 -5.20 -37.41
CA ALA C 68 15.06 -5.55 -37.37
C ALA C 68 14.23 -4.36 -36.94
N THR C 69 13.08 -4.19 -37.58
CA THR C 69 12.15 -3.13 -37.21
C THR C 69 10.74 -3.68 -37.26
N MET C 70 10.03 -3.58 -36.15
CA MET C 70 8.67 -4.07 -36.05
C MET C 70 7.70 -2.91 -35.89
N THR C 71 6.56 -3.03 -36.57
CA THR C 71 5.52 -2.01 -36.59
C THR C 71 4.20 -2.74 -36.64
N VAL C 72 3.17 -2.09 -36.12
CA VAL C 72 1.83 -2.65 -36.12
C VAL C 72 0.90 -1.62 -36.73
N ASP C 73 -0.11 -2.08 -37.44
CA ASP C 73 -1.17 -1.23 -37.98
C ASP C 73 -2.44 -1.69 -37.29
N LYS C 74 -3.01 -0.83 -36.45
CA LYS C 74 -4.05 -1.32 -35.56
C LYS C 74 -5.38 -1.48 -36.29
N SER C 75 -5.59 -0.67 -37.33
CA SER C 75 -6.85 -0.72 -38.06
C SER C 75 -7.01 -2.04 -38.82
N SER C 76 -5.97 -2.50 -39.51
CA SER C 76 -5.99 -3.81 -40.17
C SER C 76 -5.66 -4.96 -39.22
N SER C 77 -5.20 -4.67 -38.01
CA SER C 77 -4.73 -5.68 -37.06
C SER C 77 -3.62 -6.53 -37.67
N THR C 78 -2.55 -5.85 -38.07
CA THR C 78 -1.43 -6.46 -38.78
C THR C 78 -0.13 -5.95 -38.19
N ALA C 79 0.82 -6.85 -37.98
CA ALA C 79 2.15 -6.48 -37.55
C ALA C 79 3.15 -6.73 -38.68
N TYR C 80 4.16 -5.89 -38.75
CA TYR C 80 5.20 -5.98 -39.76
C TYR C 80 6.55 -6.13 -39.09
N LEU C 81 7.37 -7.03 -39.64
CA LEU C 81 8.78 -7.13 -39.29
C LEU C 81 9.57 -6.74 -40.53
N GLU C 82 10.40 -5.72 -40.41
CA GLU C 82 11.31 -5.34 -41.49
C GLU C 82 12.72 -5.77 -41.14
N LEU C 83 13.27 -6.65 -41.97
CA LEU C 83 14.67 -7.04 -41.91
C LEU C 83 15.40 -6.19 -42.92
N ALA C 84 16.48 -5.54 -42.48
CA ALA C 84 17.22 -4.64 -43.33
C ALA C 84 18.65 -5.14 -43.46
N ARG C 85 19.25 -4.86 -44.61
CA ARG C 85 20.63 -5.26 -44.88
C ARG C 85 20.73 -6.79 -44.76
N LEU C 86 20.07 -7.45 -45.70
CA LEU C 86 19.90 -8.89 -45.59
C LEU C 86 21.16 -9.63 -46.01
N THR C 87 21.34 -10.80 -45.42
CA THR C 87 22.54 -11.61 -45.62
C THR C 87 22.11 -13.07 -45.55
N SER C 88 22.90 -13.94 -46.19
CA SER C 88 22.57 -15.36 -46.19
C SER C 88 22.38 -15.89 -44.78
N GLU C 89 23.03 -15.26 -43.80
CA GLU C 89 22.81 -15.64 -42.40
C GLU C 89 21.39 -15.36 -41.95
N ASP C 90 20.70 -14.40 -42.57
CA ASP C 90 19.31 -14.11 -42.22
C ASP C 90 18.33 -15.08 -42.87
N SER C 91 18.79 -16.03 -43.69
CA SER C 91 17.92 -17.08 -44.19
C SER C 91 17.41 -17.94 -43.04
N ALA C 92 16.08 -18.05 -42.93
CA ALA C 92 15.45 -18.68 -41.78
C ALA C 92 13.94 -18.69 -41.97
N ILE C 93 13.27 -19.39 -41.06
CA ILE C 93 11.82 -19.30 -40.92
C ILE C 93 11.51 -18.28 -39.83
N TYR C 94 10.75 -17.26 -40.18
CA TYR C 94 10.36 -16.22 -39.23
C TYR C 94 8.92 -16.44 -38.78
N TYR C 95 8.75 -16.67 -37.49
CA TYR C 95 7.44 -16.88 -36.89
C TYR C 95 6.96 -15.62 -36.20
N CYS C 96 5.64 -15.45 -36.19
CA CYS C 96 5.01 -14.57 -35.24
C CYS C 96 4.13 -15.41 -34.33
N SER C 97 4.03 -14.95 -33.09
CA SER C 97 3.18 -15.55 -32.08
C SER C 97 2.88 -14.43 -31.11
N ARG C 98 1.78 -14.60 -30.39
CA ARG C 98 1.34 -13.58 -29.47
C ARG C 98 1.25 -14.05 -28.04
N GLU C 99 1.23 -13.06 -27.16
CA GLU C 99 1.13 -13.27 -25.73
C GLU C 99 0.09 -12.33 -25.20
N GLU C 100 -0.73 -12.86 -24.30
CA GLU C 100 -1.81 -12.15 -23.66
C GLU C 100 -1.29 -11.29 -22.53
N TRP C 101 -1.91 -10.13 -22.37
CA TRP C 101 -1.64 -9.31 -21.20
C TRP C 101 -2.14 -10.01 -19.94
N ASP C 102 -1.35 -9.94 -18.88
CA ASP C 102 -1.75 -10.38 -17.55
C ASP C 102 -2.11 -11.87 -17.48
N VAL C 103 -1.43 -12.71 -18.25
CA VAL C 103 -1.51 -14.16 -18.02
C VAL C 103 -0.11 -14.71 -17.73
N PHE C 104 -0.02 -16.02 -17.45
CA PHE C 104 1.22 -16.66 -17.01
C PHE C 104 1.95 -17.44 -18.10
N TYR C 105 1.49 -17.38 -19.35
CA TYR C 105 2.09 -18.15 -20.43
C TYR C 105 2.41 -17.23 -21.59
N TYR C 106 3.23 -17.74 -22.51
CA TYR C 106 3.65 -16.89 -23.62
C TYR C 106 2.94 -17.20 -24.93
N PHE C 107 3.39 -18.21 -25.67
CA PHE C 107 2.95 -18.34 -27.06
C PHE C 107 1.89 -19.43 -27.15
N ASP C 108 0.64 -19.00 -27.20
CA ASP C 108 -0.51 -19.89 -27.35
C ASP C 108 -0.75 -20.24 -28.81
N TYR C 109 -0.86 -19.22 -29.66
CA TYR C 109 -1.03 -19.38 -31.10
C TYR C 109 0.18 -18.83 -31.84
N TRP C 110 0.59 -19.57 -32.87
CA TRP C 110 1.71 -19.20 -33.73
C TRP C 110 1.20 -18.96 -35.14
N GLY C 111 1.89 -18.09 -35.86
CA GLY C 111 1.73 -18.02 -37.30
C GLY C 111 2.24 -19.27 -37.98
N GLN C 112 1.98 -19.35 -39.28
CA GLN C 112 2.42 -20.51 -40.04
C GLN C 112 3.92 -20.49 -40.30
N GLY C 113 4.55 -19.33 -40.22
CA GLY C 113 5.95 -19.15 -40.53
C GLY C 113 6.15 -18.57 -41.91
N THR C 114 7.23 -17.79 -42.06
CA THR C 114 7.61 -17.20 -43.34
C THR C 114 9.04 -17.62 -43.66
N THR C 115 9.19 -18.50 -44.65
CA THR C 115 10.51 -18.98 -45.05
C THR C 115 11.24 -17.91 -45.87
N LEU C 116 12.33 -17.38 -45.31
CA LEU C 116 13.10 -16.36 -45.99
C LEU C 116 14.43 -16.89 -46.53
N THR C 117 14.69 -16.64 -47.80
CA THR C 117 15.92 -17.09 -48.45
C THR C 117 16.68 -15.89 -49.00
N VAL C 118 17.92 -15.73 -48.58
CA VAL C 118 18.75 -14.61 -49.04
C VAL C 118 19.92 -15.20 -49.80
N SER C 119 19.98 -14.91 -51.09
CA SER C 119 21.01 -15.49 -51.94
C SER C 119 21.14 -14.64 -53.19
N SER C 120 22.29 -14.76 -53.85
CA SER C 120 22.52 -14.10 -55.12
C SER C 120 22.14 -14.95 -56.32
N ALA C 121 21.83 -16.23 -56.12
CA ALA C 121 21.62 -17.15 -57.21
C ALA C 121 20.37 -16.81 -58.01
N LYS C 122 20.33 -17.33 -59.22
CA LYS C 122 19.20 -17.25 -60.12
C LYS C 122 18.63 -18.65 -60.29
N THR C 123 17.37 -18.71 -60.74
CA THR C 123 16.77 -20.01 -61.03
C THR C 123 17.69 -20.83 -61.92
N THR C 124 18.11 -21.99 -61.42
CA THR C 124 19.05 -22.84 -62.14
C THR C 124 18.60 -24.29 -62.09
N PRO C 125 18.55 -24.98 -63.23
CA PRO C 125 18.11 -26.37 -63.24
C PRO C 125 19.21 -27.27 -62.72
N PRO C 126 18.87 -28.45 -62.19
CA PRO C 126 19.91 -29.37 -61.74
C PRO C 126 20.57 -30.08 -62.89
N SER C 127 21.78 -30.55 -62.62
CA SER C 127 22.46 -31.54 -63.45
C SER C 127 22.27 -32.88 -62.76
N VAL C 128 21.74 -33.86 -63.48
CA VAL C 128 21.42 -35.16 -62.91
C VAL C 128 22.39 -36.18 -63.45
N TYR C 129 23.04 -36.89 -62.54
CA TYR C 129 24.06 -37.84 -62.90
C TYR C 129 23.68 -39.20 -62.35
N PRO C 130 23.79 -40.27 -63.12
CA PRO C 130 23.52 -41.60 -62.58
C PRO C 130 24.68 -42.09 -61.75
N LEU C 131 24.37 -42.88 -60.72
CA LEU C 131 25.41 -43.49 -59.89
C LEU C 131 25.25 -44.99 -59.97
N ALA C 132 26.12 -45.64 -60.75
CA ALA C 132 26.15 -47.07 -60.97
C ALA C 132 27.41 -47.69 -60.38
N PRO C 133 27.36 -48.96 -59.95
CA PRO C 133 28.55 -49.63 -59.39
C PRO C 133 29.64 -49.81 -60.44
N SER C 141 21.95 -61.32 -51.97
CA SER C 141 22.75 -60.20 -52.45
C SER C 141 21.84 -59.07 -52.96
N MET C 142 22.20 -57.84 -52.60
CA MET C 142 21.49 -56.64 -53.02
C MET C 142 22.46 -55.71 -53.74
N VAL C 143 21.92 -54.72 -54.44
CA VAL C 143 22.74 -53.72 -55.12
C VAL C 143 22.17 -52.35 -54.79
N THR C 144 23.06 -51.36 -54.66
CA THR C 144 22.68 -50.00 -54.34
C THR C 144 23.03 -49.11 -55.54
N LEU C 145 22.04 -48.37 -56.00
CA LEU C 145 22.20 -47.45 -57.10
C LEU C 145 21.86 -46.06 -56.62
N GLY C 146 22.18 -45.06 -57.42
CA GLY C 146 21.83 -43.72 -56.99
C GLY C 146 21.81 -42.71 -58.11
N CYS C 147 21.33 -41.53 -57.76
CA CYS C 147 21.37 -40.37 -58.63
C CYS C 147 22.00 -39.21 -57.86
N LEU C 148 22.74 -38.38 -58.58
CA LEU C 148 23.33 -37.18 -58.02
C LEU C 148 22.71 -35.96 -58.70
N VAL C 149 22.11 -35.09 -57.91
CA VAL C 149 21.34 -33.96 -58.41
C VAL C 149 22.07 -32.71 -57.95
N LYS C 150 22.74 -32.01 -58.88
CA LYS C 150 23.79 -31.08 -58.53
C LYS C 150 23.53 -29.71 -59.16
N GLY C 151 23.71 -28.66 -58.37
CA GLY C 151 23.79 -27.32 -58.92
C GLY C 151 22.47 -26.67 -59.28
N TYR C 152 21.45 -26.85 -58.44
CA TYR C 152 20.14 -26.29 -58.74
C TYR C 152 19.80 -25.18 -57.76
N PHE C 153 18.96 -24.25 -58.22
CA PHE C 153 18.38 -23.24 -57.35
C PHE C 153 17.04 -22.80 -57.95
N PRO C 154 16.04 -22.53 -57.09
CA PRO C 154 16.07 -22.70 -55.64
C PRO C 154 15.61 -24.09 -55.25
N GLU C 155 15.61 -24.38 -53.96
CA GLU C 155 14.98 -25.58 -53.45
C GLU C 155 13.47 -25.46 -53.66
N PRO C 156 12.76 -26.59 -53.82
CA PRO C 156 13.20 -27.98 -53.77
C PRO C 156 13.45 -28.66 -55.12
N VAL C 157 13.84 -29.92 -55.01
CA VAL C 157 13.89 -30.86 -56.12
C VAL C 157 13.24 -32.15 -55.60
N THR C 158 12.61 -32.88 -56.52
CA THR C 158 11.96 -34.15 -56.17
C THR C 158 12.60 -35.28 -56.96
N VAL C 159 12.92 -36.36 -56.27
CA VAL C 159 13.45 -37.58 -56.88
C VAL C 159 12.49 -38.71 -56.61
N THR C 160 12.20 -39.50 -57.65
CA THR C 160 11.51 -40.78 -57.52
C THR C 160 12.28 -41.84 -58.30
N TRP C 161 11.86 -43.09 -58.12
CA TRP C 161 12.51 -44.20 -58.79
C TRP C 161 11.46 -45.04 -59.50
N ASN C 162 11.67 -45.25 -60.80
CA ASN C 162 10.69 -45.91 -61.67
C ASN C 162 9.29 -45.35 -61.44
N SER C 163 9.21 -44.02 -61.41
CA SER C 163 7.96 -43.26 -61.45
C SER C 163 7.13 -43.42 -60.17
N GLY C 164 7.79 -43.68 -59.05
CA GLY C 164 7.08 -43.92 -57.81
C GLY C 164 6.88 -45.39 -57.48
N SER C 165 7.15 -46.28 -58.44
CA SER C 165 6.96 -47.71 -58.19
C SER C 165 7.99 -48.28 -57.23
N LEU C 166 9.22 -47.75 -57.18
CA LEU C 166 10.20 -48.22 -56.22
C LEU C 166 10.20 -47.23 -55.06
N SER C 167 9.54 -47.61 -53.97
CA SER C 167 9.53 -46.80 -52.76
C SER C 167 10.32 -47.40 -51.62
N SER C 168 10.44 -48.72 -51.56
CA SER C 168 11.25 -49.39 -50.56
C SER C 168 12.73 -49.22 -50.85
N GLY C 169 13.52 -49.12 -49.78
CA GLY C 169 14.96 -49.04 -49.94
C GLY C 169 15.40 -47.82 -50.71
N VAL C 170 14.70 -46.71 -50.55
CA VAL C 170 15.05 -45.43 -51.16
C VAL C 170 15.47 -44.49 -50.03
N HIS C 171 16.61 -43.82 -50.21
CA HIS C 171 17.01 -42.75 -49.33
C HIS C 171 17.28 -41.52 -50.18
N THR C 172 16.56 -40.44 -49.89
CA THR C 172 16.72 -39.18 -50.61
C THR C 172 17.16 -38.17 -49.57
N PHE C 173 18.35 -37.70 -49.70
CA PHE C 173 19.04 -36.96 -48.67
C PHE C 173 18.75 -35.47 -48.79
N PRO C 174 18.76 -34.74 -47.67
CA PRO C 174 18.53 -33.30 -47.74
C PRO C 174 19.63 -32.63 -48.54
N ALA C 175 19.23 -31.56 -49.24
CA ALA C 175 20.20 -30.78 -50.00
C ALA C 175 21.24 -30.16 -49.07
N VAL C 176 22.43 -29.95 -49.62
CA VAL C 176 23.43 -29.12 -48.98
C VAL C 176 23.73 -27.98 -49.95
N LEU C 177 24.23 -26.88 -49.43
CA LEU C 177 24.56 -25.74 -50.28
C LEU C 177 26.03 -25.81 -50.62
N GLN C 178 26.32 -25.83 -51.91
CA GLN C 178 27.67 -25.87 -52.43
C GLN C 178 27.73 -24.78 -53.50
N SER C 179 28.50 -23.73 -53.22
CA SER C 179 28.78 -22.66 -54.19
C SER C 179 27.55 -21.76 -54.45
N ASP C 180 26.72 -21.52 -53.43
CA ASP C 180 25.42 -20.87 -53.54
C ASP C 180 24.38 -21.68 -54.29
N LEU C 181 24.69 -22.92 -54.65
CA LEU C 181 23.77 -23.80 -55.37
C LEU C 181 23.57 -25.06 -54.56
N TYR C 182 22.40 -25.68 -54.71
CA TYR C 182 22.02 -26.87 -53.97
C TYR C 182 22.42 -28.15 -54.70
N THR C 183 22.78 -29.16 -53.91
CA THR C 183 23.07 -30.50 -54.42
C THR C 183 22.52 -31.54 -53.45
N LEU C 184 21.92 -32.59 -54.00
CA LEU C 184 21.50 -33.73 -53.21
C LEU C 184 21.64 -34.99 -54.04
N SER C 185 21.47 -36.12 -53.37
CA SER C 185 21.59 -37.43 -53.99
C SER C 185 20.51 -38.33 -53.42
N SER C 186 20.11 -39.32 -54.22
CA SER C 186 19.17 -40.33 -53.78
C SER C 186 19.81 -41.69 -54.01
N SER C 187 19.58 -42.62 -53.08
CA SER C 187 20.05 -43.99 -53.22
C SER C 187 18.85 -44.91 -53.22
N VAL C 188 18.91 -45.98 -54.00
CA VAL C 188 17.87 -46.98 -54.03
C VAL C 188 18.56 -48.34 -54.03
N THR C 189 18.10 -49.24 -53.16
CA THR C 189 18.74 -50.53 -52.98
C THR C 189 17.76 -51.61 -53.41
N VAL C 190 18.25 -52.54 -54.22
CA VAL C 190 17.37 -53.41 -55.02
C VAL C 190 18.04 -54.77 -55.14
N PRO C 191 17.29 -55.87 -55.28
CA PRO C 191 17.93 -57.18 -55.40
C PRO C 191 18.77 -57.29 -56.67
N SER C 192 19.95 -57.93 -56.52
CA SER C 192 20.80 -58.25 -57.67
C SER C 192 20.02 -58.89 -58.82
N SER C 193 18.93 -59.59 -58.51
CA SER C 193 18.19 -60.26 -59.58
C SER C 193 17.42 -59.27 -60.45
N THR C 194 17.14 -58.06 -59.95
CA THR C 194 16.41 -57.04 -60.69
C THR C 194 17.27 -56.18 -61.61
N TRP C 195 18.51 -55.89 -61.22
CA TRP C 195 19.32 -54.95 -61.99
C TRP C 195 20.71 -55.51 -62.28
N PRO C 196 21.22 -55.32 -63.52
CA PRO C 196 20.72 -54.65 -64.73
C PRO C 196 19.60 -55.35 -65.50
N SER C 197 19.24 -56.58 -65.09
CA SER C 197 18.20 -57.34 -65.77
C SER C 197 17.00 -56.48 -66.16
N GLU C 198 16.35 -55.89 -65.16
CA GLU C 198 15.23 -54.99 -65.34
C GLU C 198 15.68 -53.56 -65.06
N THR C 199 14.99 -52.61 -65.67
CA THR C 199 15.48 -51.24 -65.71
C THR C 199 15.13 -50.52 -64.41
N VAL C 200 16.06 -49.72 -63.91
CA VAL C 200 15.85 -48.85 -62.76
C VAL C 200 16.17 -47.43 -63.20
N THR C 201 15.22 -46.53 -62.99
CA THR C 201 15.29 -45.15 -63.47
C THR C 201 14.99 -44.20 -62.32
N CYS C 202 15.75 -43.11 -62.23
CA CYS C 202 15.43 -42.05 -61.28
C CYS C 202 14.82 -40.88 -62.05
N ASN C 203 13.80 -40.27 -61.44
CA ASN C 203 12.99 -39.24 -62.07
C ASN C 203 13.16 -37.99 -61.23
N VAL C 204 13.84 -37.00 -61.80
CA VAL C 204 14.17 -35.77 -61.09
C VAL C 204 13.25 -34.67 -61.60
N ALA C 205 12.65 -33.91 -60.68
CA ALA C 205 11.82 -32.77 -61.04
C ALA C 205 12.29 -31.54 -60.27
N HIS C 206 12.54 -30.44 -60.98
CA HIS C 206 12.86 -29.15 -60.38
C HIS C 206 11.80 -28.18 -60.87
N PRO C 207 10.66 -28.10 -60.16
CA PRO C 207 9.53 -27.28 -60.65
C PRO C 207 9.87 -25.81 -60.86
N ALA C 208 10.91 -25.29 -60.21
CA ALA C 208 11.22 -23.87 -60.34
C ALA C 208 11.72 -23.54 -61.75
N SER C 209 12.58 -24.31 -62.31
CA SER C 209 13.00 -24.04 -63.66
C SER C 209 12.31 -24.90 -64.68
N SER C 210 11.23 -25.52 -64.25
CA SER C 210 10.38 -26.39 -65.02
C SER C 210 11.05 -27.56 -65.68
N THR C 211 11.89 -28.26 -64.95
CA THR C 211 12.60 -29.39 -65.43
C THR C 211 12.22 -30.68 -64.75
N LYS C 212 12.26 -31.70 -65.60
CA LYS C 212 12.02 -33.07 -65.32
C LYS C 212 13.04 -33.81 -66.10
N VAL C 213 13.82 -34.62 -65.42
CA VAL C 213 14.84 -35.41 -66.06
C VAL C 213 14.71 -36.84 -65.69
N ASP C 214 14.79 -37.73 -66.67
CA ASP C 214 14.69 -39.13 -66.43
C ASP C 214 15.99 -39.70 -66.79
N LYS C 215 16.57 -40.46 -65.89
CA LYS C 215 17.85 -41.07 -66.10
C LYS C 215 17.84 -42.51 -65.76
N LYS C 216 18.01 -43.34 -66.76
CA LYS C 216 18.11 -44.76 -66.56
C LYS C 216 19.48 -45.09 -66.06
N ILE C 217 19.56 -45.90 -65.03
CA ILE C 217 20.83 -46.25 -64.45
C ILE C 217 21.38 -47.42 -65.19
N GLU C 218 22.47 -47.19 -65.86
CA GLU C 218 23.06 -48.21 -66.67
C GLU C 218 24.41 -48.57 -66.16
N THR C 219 24.82 -49.79 -66.42
CA THR C 219 26.11 -50.27 -65.94
C THR C 219 27.30 -49.65 -66.62
N ASP D 1 23.04 -12.57 -20.61
CA ASP D 1 22.01 -13.31 -21.32
C ASP D 1 21.87 -14.70 -20.69
N ILE D 2 20.64 -15.21 -20.66
CA ILE D 2 20.33 -16.47 -19.99
C ILE D 2 20.47 -17.58 -21.00
N MET D 3 21.48 -18.43 -20.82
CA MET D 3 21.63 -19.62 -21.64
C MET D 3 20.83 -20.77 -21.03
N LEU D 4 20.01 -21.41 -21.84
CA LEU D 4 19.19 -22.54 -21.43
C LEU D 4 19.75 -23.76 -22.14
N THR D 5 20.29 -24.71 -21.39
CA THR D 5 20.93 -25.89 -21.97
C THR D 5 20.10 -27.14 -21.72
N GLN D 6 19.81 -27.86 -22.80
CA GLN D 6 18.98 -29.04 -22.69
C GLN D 6 19.82 -30.31 -22.71
N SER D 7 19.40 -31.30 -21.95
CA SER D 7 20.08 -32.58 -21.90
C SER D 7 19.03 -33.70 -21.93
N PRO D 8 19.24 -34.73 -22.75
CA PRO D 8 20.30 -34.80 -23.77
C PRO D 8 19.88 -34.07 -25.05
N LEU D 9 20.70 -34.16 -26.11
CA LEU D 9 20.35 -33.59 -27.39
C LEU D 9 19.52 -34.52 -28.27
N SER D 10 19.74 -35.82 -28.14
CA SER D 10 18.88 -36.83 -28.76
C SER D 10 18.43 -37.80 -27.68
N LEU D 11 17.14 -38.07 -27.62
CA LEU D 11 16.58 -39.02 -26.66
C LEU D 11 16.00 -40.23 -27.38
N PRO D 12 16.69 -41.36 -27.40
CA PRO D 12 16.07 -42.58 -27.94
C PRO D 12 15.07 -43.12 -26.92
N VAL D 13 13.88 -43.44 -27.40
CA VAL D 13 12.83 -43.92 -26.51
C VAL D 13 12.00 -44.93 -27.30
N SER D 14 11.41 -45.88 -26.57
CA SER D 14 10.49 -46.85 -27.11
C SER D 14 9.07 -46.49 -26.72
N LEU D 15 8.12 -46.63 -27.64
CA LEU D 15 6.75 -46.19 -27.37
C LEU D 15 6.15 -46.96 -26.21
N GLY D 16 5.58 -46.21 -25.26
CA GLY D 16 5.09 -46.75 -24.03
C GLY D 16 6.02 -46.50 -22.86
N ASP D 17 7.28 -46.16 -23.12
CA ASP D 17 8.23 -45.86 -22.07
C ASP D 17 8.02 -44.45 -21.52
N GLN D 18 8.55 -44.24 -20.32
CA GLN D 18 8.78 -42.90 -19.81
C GLN D 18 9.88 -42.21 -20.61
N ALA D 19 9.77 -40.89 -20.72
CA ALA D 19 10.82 -40.07 -21.31
C ALA D 19 11.11 -38.89 -20.38
N SER D 20 12.38 -38.47 -20.33
CA SER D 20 12.79 -37.40 -19.44
C SER D 20 13.73 -36.45 -20.16
N ILE D 21 13.35 -35.18 -20.22
CA ILE D 21 14.20 -34.13 -20.79
C ILE D 21 14.58 -33.15 -19.69
N SER D 22 15.84 -32.70 -19.71
CA SER D 22 16.37 -31.79 -18.70
C SER D 22 16.77 -30.47 -19.35
N CYS D 23 16.47 -29.35 -18.67
CA CYS D 23 16.80 -28.00 -19.10
C CYS D 23 17.49 -27.27 -17.96
N ARG D 24 18.60 -26.62 -18.26
CA ARG D 24 19.36 -25.85 -17.27
C ARG D 24 19.49 -24.41 -17.70
N SER D 25 19.21 -23.50 -16.79
CA SER D 25 19.44 -22.10 -17.03
C SER D 25 20.76 -21.76 -16.38
N SER D 26 21.51 -20.87 -17.00
CA SER D 26 22.83 -20.53 -16.49
C SER D 26 22.74 -19.65 -15.25
N GLN D 27 21.59 -19.03 -15.02
CA GLN D 27 21.32 -18.29 -13.80
C GLN D 27 19.84 -18.41 -13.47
N GLY D 28 19.42 -17.72 -12.41
CA GLY D 28 18.04 -17.79 -11.98
C GLY D 28 17.08 -17.14 -12.96
N ILE D 29 15.95 -17.80 -13.16
CA ILE D 29 14.86 -17.35 -14.04
C ILE D 29 13.60 -16.90 -13.29
N VAL D 30 13.72 -16.48 -12.04
CA VAL D 30 12.56 -15.95 -11.31
C VAL D 30 12.28 -14.51 -11.72
N HIS D 31 11.07 -14.27 -12.23
CA HIS D 31 10.62 -12.95 -12.68
C HIS D 31 10.52 -11.99 -11.49
N SER D 32 10.45 -10.69 -11.79
CA SER D 32 10.28 -9.69 -10.73
C SER D 32 9.07 -9.95 -9.86
N ASP D 33 8.03 -10.60 -10.39
CA ASP D 33 6.81 -10.82 -9.63
C ASP D 33 6.87 -12.06 -8.73
N GLY D 34 7.95 -12.84 -8.77
CA GLY D 34 8.03 -14.09 -8.05
C GLY D 34 7.73 -15.35 -8.84
N ASN D 35 7.08 -15.22 -9.98
CA ASN D 35 6.83 -16.39 -10.81
C ASN D 35 8.07 -16.74 -11.63
N THR D 36 8.15 -18.00 -12.01
CA THR D 36 9.21 -18.51 -12.87
C THR D 36 8.56 -18.88 -14.19
N TYR D 37 8.82 -18.09 -15.24
CA TYR D 37 8.11 -18.33 -16.49
C TYR D 37 9.06 -19.14 -17.37
N LEU D 38 8.98 -20.45 -17.18
CA LEU D 38 9.79 -21.43 -17.89
C LEU D 38 8.85 -22.32 -18.67
N GLU D 39 9.07 -22.47 -19.96
CA GLU D 39 8.06 -23.23 -20.69
C GLU D 39 8.71 -24.33 -21.50
N TRP D 40 7.87 -25.27 -21.93
CA TRP D 40 8.28 -26.37 -22.79
C TRP D 40 7.45 -26.30 -24.05
N TYR D 41 8.11 -26.42 -25.20
CA TYR D 41 7.46 -26.42 -26.49
C TYR D 41 7.81 -27.69 -27.25
N LEU D 42 6.87 -28.15 -28.04
CA LEU D 42 7.06 -29.31 -28.92
C LEU D 42 6.83 -28.88 -30.35
N GLN D 43 7.77 -29.21 -31.22
CA GLN D 43 7.67 -28.91 -32.64
C GLN D 43 7.75 -30.22 -33.40
N LYS D 44 6.64 -30.62 -33.99
CA LYS D 44 6.62 -31.73 -34.92
C LYS D 44 7.09 -31.24 -36.29
N PRO D 45 7.73 -32.09 -37.09
CA PRO D 45 8.37 -31.61 -38.33
C PRO D 45 7.38 -30.90 -39.23
N GLY D 46 7.79 -29.73 -39.72
CA GLY D 46 7.00 -28.95 -40.66
C GLY D 46 5.99 -28.01 -40.04
N GLN D 47 5.98 -27.84 -38.73
CA GLN D 47 5.02 -26.97 -38.07
C GLN D 47 5.69 -26.09 -37.01
N SER D 48 4.89 -25.14 -36.53
CA SER D 48 5.28 -24.26 -35.44
C SER D 48 5.41 -25.06 -34.15
N PRO D 49 6.21 -24.57 -33.20
CA PRO D 49 6.15 -25.13 -31.85
C PRO D 49 4.79 -24.85 -31.24
N LYS D 50 4.31 -25.78 -30.43
CA LYS D 50 3.08 -25.58 -29.69
C LYS D 50 3.36 -25.75 -28.19
N LEU D 51 2.73 -24.87 -27.42
CA LEU D 51 2.96 -24.82 -25.98
C LEU D 51 2.48 -26.11 -25.32
N LEU D 52 3.27 -26.61 -24.37
CA LEU D 52 2.91 -27.76 -23.55
C LEU D 52 2.81 -27.40 -22.08
N ILE D 53 3.93 -26.98 -21.48
CA ILE D 53 4.01 -26.65 -20.06
C ILE D 53 4.32 -25.16 -19.96
N TYR D 54 3.64 -24.47 -19.08
CA TYR D 54 3.93 -23.11 -18.76
C TYR D 54 4.14 -22.98 -17.24
N LYS D 55 4.86 -21.96 -16.83
CA LYS D 55 5.12 -21.67 -15.45
C LYS D 55 5.62 -22.84 -14.64
N VAL D 56 6.67 -23.47 -15.13
CA VAL D 56 7.29 -24.65 -14.56
C VAL D 56 6.51 -25.95 -14.68
N SER D 57 5.33 -26.01 -14.10
CA SER D 57 4.53 -27.22 -14.02
C SER D 57 3.13 -27.31 -14.56
N ASN D 58 2.56 -26.22 -14.97
CA ASN D 58 1.19 -26.16 -15.48
C ASN D 58 1.07 -26.61 -16.94
N ARG D 59 0.07 -27.45 -17.22
CA ARG D 59 -0.26 -27.83 -18.59
C ARG D 59 -1.19 -26.83 -19.25
N PHE D 60 -0.88 -26.51 -20.50
CA PHE D 60 -1.74 -25.68 -21.33
C PHE D 60 -2.99 -26.46 -21.73
N SER D 61 -4.03 -25.72 -22.13
CA SER D 61 -5.29 -26.35 -22.50
C SER D 61 -5.10 -27.26 -23.71
N GLY D 62 -5.55 -28.50 -23.58
CA GLY D 62 -5.40 -29.49 -24.62
C GLY D 62 -4.28 -30.47 -24.38
N VAL D 63 -3.32 -30.15 -23.52
CA VAL D 63 -2.13 -30.97 -23.40
C VAL D 63 -2.44 -32.19 -22.53
N PRO D 64 -2.14 -33.40 -22.99
CA PRO D 64 -2.49 -34.57 -22.20
C PRO D 64 -1.78 -34.59 -20.86
N ASP D 65 -2.34 -35.38 -19.94
CA ASP D 65 -1.79 -35.51 -18.60
C ASP D 65 -0.47 -36.27 -18.63
N ARG D 66 -0.09 -36.85 -19.77
CA ARG D 66 1.19 -37.54 -19.87
C ARG D 66 2.35 -36.59 -19.64
N PHE D 67 2.19 -35.33 -20.05
CA PHE D 67 3.24 -34.32 -19.96
C PHE D 67 3.18 -33.63 -18.61
N SER D 68 4.19 -33.86 -17.77
CA SER D 68 4.35 -33.12 -16.52
C SER D 68 5.70 -32.43 -16.51
N GLY D 69 5.69 -31.11 -16.30
CA GLY D 69 6.91 -30.36 -16.07
C GLY D 69 7.14 -30.15 -14.58
N SER D 70 8.40 -30.03 -14.20
CA SER D 70 8.74 -29.76 -12.80
C SER D 70 10.13 -29.17 -12.72
N GLY D 71 10.48 -28.67 -11.54
CA GLY D 71 11.82 -28.17 -11.32
C GLY D 71 11.90 -26.94 -10.44
N SER D 72 13.12 -26.51 -10.14
CA SER D 72 13.35 -25.36 -9.27
C SER D 72 14.77 -24.86 -9.51
N GLY D 73 15.00 -23.60 -9.14
CA GLY D 73 16.34 -23.05 -9.26
C GLY D 73 16.81 -22.94 -10.69
N THR D 74 17.92 -23.59 -11.00
CA THR D 74 18.46 -23.68 -12.36
C THR D 74 18.12 -24.98 -13.06
N ASP D 75 17.33 -25.86 -12.44
CA ASP D 75 17.09 -27.22 -12.94
C ASP D 75 15.61 -27.44 -13.21
N PHE D 76 15.30 -27.97 -14.39
CA PHE D 76 13.93 -28.23 -14.80
C PHE D 76 13.86 -29.50 -15.63
N ILE D 77 12.72 -30.19 -15.51
CA ILE D 77 12.51 -31.49 -16.15
C ILE D 77 11.14 -31.52 -16.80
N LEU D 78 11.10 -31.96 -18.05
CA LEU D 78 9.86 -32.39 -18.69
C LEU D 78 9.81 -33.91 -18.65
N LYS D 79 8.72 -34.45 -18.12
CA LYS D 79 8.48 -35.88 -18.14
C LYS D 79 7.21 -36.19 -18.92
N ILE D 80 7.28 -37.30 -19.66
CA ILE D 80 6.14 -37.88 -20.36
C ILE D 80 5.94 -39.26 -19.78
N SER D 81 4.72 -39.54 -19.34
CA SER D 81 4.50 -40.81 -18.66
C SER D 81 4.64 -41.99 -19.62
N ARG D 82 3.96 -41.93 -20.77
CA ARG D 82 4.16 -42.95 -21.79
C ARG D 82 4.19 -42.31 -23.17
N VAL D 83 5.32 -42.49 -23.85
CA VAL D 83 5.49 -41.92 -25.19
C VAL D 83 4.51 -42.54 -26.16
N GLU D 84 3.92 -41.70 -26.99
CA GLU D 84 3.09 -42.09 -28.12
C GLU D 84 3.74 -41.54 -29.39
N ALA D 85 3.36 -42.11 -30.53
CA ALA D 85 3.93 -41.67 -31.80
C ALA D 85 3.77 -40.16 -31.98
N GLU D 86 2.60 -39.64 -31.60
CA GLU D 86 2.29 -38.22 -31.68
C GLU D 86 3.30 -37.36 -30.93
N ASP D 87 4.09 -37.95 -30.05
CA ASP D 87 5.02 -37.21 -29.20
C ASP D 87 6.38 -36.98 -29.83
N LEU D 88 6.71 -37.71 -30.89
CA LEU D 88 8.04 -37.58 -31.46
C LEU D 88 8.19 -36.22 -32.13
N GLY D 89 9.39 -35.67 -32.04
CA GLY D 89 9.66 -34.32 -32.48
C GLY D 89 10.78 -33.72 -31.66
N VAL D 90 10.82 -32.40 -31.65
CA VAL D 90 11.88 -31.65 -30.97
C VAL D 90 11.26 -30.88 -29.81
N TYR D 91 11.84 -31.04 -28.63
CA TYR D 91 11.39 -30.34 -27.43
C TYR D 91 12.33 -29.22 -27.07
N TYR D 92 11.77 -28.03 -26.88
CA TYR D 92 12.51 -26.86 -26.45
C TYR D 92 12.01 -26.42 -25.09
N CYS D 93 12.92 -26.11 -24.19
CA CYS D 93 12.51 -25.29 -23.07
C CYS D 93 12.65 -23.82 -23.46
N PHE D 94 12.11 -22.95 -22.62
CA PHE D 94 12.07 -21.53 -22.93
C PHE D 94 11.92 -20.79 -21.61
N GLN D 95 12.63 -19.68 -21.46
CA GLN D 95 12.46 -18.81 -20.31
C GLN D 95 11.95 -17.46 -20.76
N GLY D 96 10.90 -16.97 -20.10
CA GLY D 96 10.36 -15.66 -20.35
C GLY D 96 10.48 -14.69 -19.17
N SER D 97 11.34 -15.01 -18.20
CA SER D 97 11.47 -14.15 -17.03
C SER D 97 12.40 -12.96 -17.25
N HIS D 98 13.39 -13.08 -18.14
CA HIS D 98 14.39 -12.04 -18.33
C HIS D 98 14.57 -11.71 -19.81
N VAL D 99 14.48 -10.42 -20.13
CA VAL D 99 14.83 -9.93 -21.46
C VAL D 99 16.33 -10.12 -21.65
N PRO D 100 16.76 -10.60 -22.83
CA PRO D 100 16.00 -11.20 -23.94
C PRO D 100 15.54 -12.60 -23.55
N TYR D 101 14.38 -13.04 -24.02
CA TYR D 101 13.94 -14.40 -23.75
C TYR D 101 14.79 -15.38 -24.56
N THR D 102 14.95 -16.59 -24.04
CA THR D 102 15.86 -17.55 -24.66
C THR D 102 15.27 -18.96 -24.66
N PHE D 103 15.65 -19.70 -25.70
CA PHE D 103 15.29 -21.10 -25.90
C PHE D 103 16.51 -21.97 -25.64
N GLY D 104 16.27 -23.20 -25.19
CA GLY D 104 17.30 -24.21 -25.27
C GLY D 104 17.55 -24.62 -26.70
N GLY D 105 18.63 -25.39 -26.90
CA GLY D 105 18.97 -25.82 -28.24
C GLY D 105 18.03 -26.86 -28.81
N GLY D 106 17.21 -27.48 -27.96
CA GLY D 106 16.26 -28.48 -28.39
C GLY D 106 16.72 -29.90 -28.10
N THR D 107 15.78 -30.77 -27.75
CA THR D 107 16.03 -32.19 -27.57
C THR D 107 15.12 -32.95 -28.52
N LYS D 108 15.71 -33.79 -29.37
CA LYS D 108 14.96 -34.54 -30.37
C LYS D 108 14.55 -35.89 -29.77
N LEU D 109 13.24 -36.15 -29.73
CA LEU D 109 12.72 -37.42 -29.24
C LEU D 109 12.64 -38.41 -30.40
N GLU D 110 13.33 -39.54 -30.27
CA GLU D 110 13.50 -40.50 -31.35
C GLU D 110 13.24 -41.92 -30.86
N ILE D 111 13.15 -42.84 -31.82
CA ILE D 111 12.77 -44.22 -31.56
C ILE D 111 14.03 -45.03 -31.23
N LYS D 112 13.97 -45.78 -30.16
CA LYS D 112 15.00 -46.67 -29.76
C LYS D 112 14.82 -47.98 -30.50
N ARG D 113 15.91 -48.46 -31.05
CA ARG D 113 16.03 -49.64 -31.82
C ARG D 113 17.22 -50.47 -31.39
N ALA D 114 17.43 -51.58 -32.07
CA ALA D 114 18.58 -52.44 -31.86
C ALA D 114 19.61 -52.08 -32.90
N ASP D 115 20.87 -52.05 -32.58
CA ASP D 115 21.89 -51.67 -33.56
C ASP D 115 21.95 -52.29 -34.95
N ALA D 116 22.39 -51.52 -35.94
CA ALA D 116 22.68 -52.06 -37.27
C ALA D 116 24.03 -51.53 -37.74
N ALA D 117 24.76 -52.38 -38.45
CA ALA D 117 25.95 -51.85 -39.09
C ALA D 117 25.53 -51.15 -40.38
N PRO D 118 26.26 -50.11 -40.79
CA PRO D 118 25.90 -49.45 -42.05
C PRO D 118 26.14 -50.35 -43.25
N THR D 119 25.46 -50.00 -44.35
CA THR D 119 25.69 -50.61 -45.65
C THR D 119 26.36 -49.54 -46.51
N VAL D 120 27.65 -49.73 -46.78
CA VAL D 120 28.48 -48.71 -47.41
C VAL D 120 28.58 -49.01 -48.90
N SER D 121 28.33 -47.98 -49.72
CA SER D 121 28.54 -48.04 -51.16
C SER D 121 29.30 -46.80 -51.59
N ILE D 122 30.25 -46.99 -52.50
CA ILE D 122 31.04 -45.90 -53.05
C ILE D 122 30.86 -45.90 -54.57
N PHE D 123 30.75 -44.71 -55.15
CA PHE D 123 30.50 -44.57 -56.57
C PHE D 123 31.53 -43.64 -57.20
N PRO D 124 32.28 -44.08 -58.21
CA PRO D 124 33.17 -43.16 -58.93
C PRO D 124 32.36 -42.11 -59.65
N PRO D 125 33.01 -41.04 -60.12
CA PRO D 125 32.27 -40.02 -60.87
C PRO D 125 31.56 -40.59 -62.08
N SER D 126 30.47 -39.94 -62.45
CA SER D 126 29.79 -40.25 -63.69
C SER D 126 30.65 -39.84 -64.88
N SER D 127 30.55 -40.61 -65.97
CA SER D 127 31.19 -40.20 -67.21
C SER D 127 30.65 -38.86 -67.66
N GLU D 128 29.32 -38.67 -67.57
CA GLU D 128 28.71 -37.43 -68.03
C GLU D 128 29.12 -36.25 -67.17
N GLN D 129 29.41 -36.46 -65.89
CA GLN D 129 29.88 -35.34 -65.07
C GLN D 129 31.29 -34.95 -65.47
N LEU D 130 32.13 -35.93 -65.78
CA LEU D 130 33.50 -35.66 -66.21
C LEU D 130 33.55 -34.78 -67.45
N THR D 131 32.66 -35.02 -68.43
CA THR D 131 32.63 -34.16 -69.61
C THR D 131 32.35 -32.71 -69.23
N SER D 132 31.64 -32.48 -68.13
CA SER D 132 31.34 -31.13 -67.65
C SER D 132 32.53 -30.46 -66.98
N GLY D 133 33.57 -31.21 -66.62
CA GLY D 133 34.71 -30.66 -65.93
C GLY D 133 34.79 -30.95 -64.44
N GLY D 134 33.71 -31.43 -63.83
CA GLY D 134 33.75 -31.78 -62.43
C GLY D 134 33.83 -33.29 -62.21
N ALA D 135 34.17 -33.66 -60.98
CA ALA D 135 34.11 -35.05 -60.57
C ALA D 135 33.68 -35.12 -59.11
N SER D 136 32.51 -35.68 -58.86
CA SER D 136 32.07 -35.96 -57.49
C SER D 136 32.20 -37.45 -57.22
N VAL D 137 32.75 -37.78 -56.05
CA VAL D 137 32.80 -39.15 -55.57
C VAL D 137 31.78 -39.27 -54.46
N VAL D 138 30.87 -40.22 -54.58
CA VAL D 138 29.71 -40.31 -53.69
C VAL D 138 29.83 -41.59 -52.89
N CYS D 139 29.60 -41.50 -51.59
CA CYS D 139 29.63 -42.62 -50.68
C CYS D 139 28.33 -42.63 -49.88
N PHE D 140 27.63 -43.75 -49.93
CA PHE D 140 26.40 -43.93 -49.17
C PHE D 140 26.67 -44.82 -47.96
N LEU D 141 26.08 -44.44 -46.83
CA LEU D 141 26.14 -45.23 -45.60
C LEU D 141 24.69 -45.33 -45.16
N ASN D 142 24.07 -46.48 -45.40
CA ASN D 142 22.63 -46.60 -45.31
C ASN D 142 22.22 -47.57 -44.21
N ASN D 143 21.14 -47.22 -43.51
CA ASN D 143 20.43 -48.10 -42.59
C ASN D 143 21.33 -48.60 -41.44
N PHE D 144 21.75 -47.65 -40.61
CA PHE D 144 22.54 -47.97 -39.43
C PHE D 144 21.87 -47.41 -38.18
N TYR D 145 22.15 -48.04 -37.04
CA TYR D 145 21.73 -47.51 -35.74
C TYR D 145 22.77 -47.83 -34.66
N PRO D 146 23.07 -46.87 -33.76
CA PRO D 146 22.49 -45.52 -33.62
C PRO D 146 23.05 -44.48 -34.59
N LYS D 147 22.58 -43.23 -34.48
CA LYS D 147 22.83 -42.23 -35.52
C LYS D 147 24.31 -41.83 -35.66
N ASP D 148 25.10 -41.91 -34.59
CA ASP D 148 26.44 -41.30 -34.64
C ASP D 148 27.36 -42.17 -35.47
N ILE D 149 28.01 -41.55 -36.47
CA ILE D 149 28.90 -42.27 -37.36
C ILE D 149 29.89 -41.27 -37.93
N ASN D 150 31.10 -41.74 -38.20
CA ASN D 150 32.10 -40.92 -38.86
C ASN D 150 32.49 -41.57 -40.18
N VAL D 151 32.52 -40.76 -41.23
CA VAL D 151 32.98 -41.19 -42.54
C VAL D 151 34.33 -40.51 -42.78
N LYS D 152 35.31 -41.29 -43.19
CA LYS D 152 36.64 -40.78 -43.52
C LYS D 152 36.95 -41.11 -44.97
N TRP D 153 37.47 -40.12 -45.68
CA TRP D 153 37.94 -40.29 -47.04
C TRP D 153 39.46 -40.40 -47.07
N LYS D 154 39.96 -41.29 -47.93
CA LYS D 154 41.38 -41.44 -48.19
C LYS D 154 41.64 -41.49 -49.70
N ILE D 155 42.57 -40.66 -50.15
CA ILE D 155 43.04 -40.65 -51.54
C ILE D 155 44.48 -41.16 -51.57
N ASP D 156 44.67 -42.29 -52.27
CA ASP D 156 45.97 -42.97 -52.35
C ASP D 156 46.54 -43.20 -50.95
N GLY D 157 45.69 -43.73 -50.06
CA GLY D 157 46.07 -44.00 -48.69
C GLY D 157 46.00 -42.82 -47.74
N SER D 158 46.03 -41.59 -48.26
CA SER D 158 46.08 -40.37 -47.44
C SER D 158 44.68 -39.83 -47.15
N GLU D 159 44.39 -39.57 -45.87
CA GLU D 159 43.13 -38.96 -45.47
C GLU D 159 42.91 -37.63 -46.20
N ARG D 160 41.64 -37.33 -46.48
CA ARG D 160 41.23 -36.20 -47.30
C ARG D 160 39.93 -35.61 -46.75
N GLN D 161 39.89 -34.28 -46.65
CA GLN D 161 38.83 -33.51 -46.00
C GLN D 161 38.24 -32.39 -46.85
N ASN D 162 39.07 -31.55 -47.48
CA ASN D 162 38.54 -30.44 -48.27
C ASN D 162 37.70 -30.96 -49.43
N GLY D 163 36.59 -30.27 -49.68
CA GLY D 163 35.65 -30.68 -50.72
C GLY D 163 34.66 -31.76 -50.33
N VAL D 164 34.70 -32.23 -49.08
CA VAL D 164 33.75 -33.24 -48.60
C VAL D 164 32.51 -32.54 -48.05
N LEU D 165 31.34 -32.93 -48.55
CA LEU D 165 30.07 -32.49 -48.00
C LEU D 165 29.25 -33.68 -47.56
N ASN D 166 28.66 -33.57 -46.38
CA ASN D 166 27.87 -34.65 -45.79
C ASN D 166 26.42 -34.23 -45.61
N SER D 167 25.55 -35.24 -45.59
CA SER D 167 24.12 -35.05 -45.47
C SER D 167 23.54 -36.23 -44.73
N TRP D 168 22.48 -35.98 -43.96
CA TRP D 168 21.95 -36.97 -43.03
C TRP D 168 20.43 -37.02 -43.14
N THR D 169 19.89 -38.22 -43.24
CA THR D 169 18.44 -38.40 -43.19
C THR D 169 17.94 -38.36 -41.76
N ASP D 170 16.70 -37.93 -41.59
CA ASP D 170 15.96 -38.17 -40.36
C ASP D 170 15.73 -39.66 -40.18
N GLN D 171 15.41 -40.04 -38.95
CA GLN D 171 15.10 -41.43 -38.65
C GLN D 171 14.00 -41.93 -39.57
N ASP D 172 14.19 -43.16 -40.06
CA ASP D 172 13.32 -43.73 -41.09
C ASP D 172 12.00 -44.21 -40.46
N SER D 173 10.90 -43.93 -41.16
CA SER D 173 9.59 -44.22 -40.59
C SER D 173 9.37 -45.71 -40.38
N LYS D 174 9.89 -46.53 -41.30
CA LYS D 174 9.61 -47.96 -41.24
C LYS D 174 10.53 -48.66 -40.24
N ASP D 175 11.83 -48.69 -40.53
CA ASP D 175 12.78 -49.49 -39.79
C ASP D 175 13.58 -48.74 -38.71
N SER D 176 13.39 -47.42 -38.59
CA SER D 176 13.99 -46.60 -37.54
C SER D 176 15.52 -46.51 -37.60
N THR D 177 16.12 -46.70 -38.77
CA THR D 177 17.57 -46.55 -38.92
C THR D 177 17.89 -45.16 -39.47
N TYR D 178 19.18 -44.88 -39.59
CA TYR D 178 19.67 -43.63 -40.15
C TYR D 178 20.54 -43.92 -41.36
N SER D 179 20.69 -42.91 -42.22
CA SER D 179 21.52 -43.02 -43.41
C SER D 179 22.25 -41.70 -43.62
N MET D 180 23.40 -41.76 -44.28
CA MET D 180 24.12 -40.54 -44.60
C MET D 180 24.83 -40.68 -45.95
N SER D 181 25.14 -39.54 -46.56
CA SER D 181 25.79 -39.48 -47.88
C SER D 181 26.98 -38.53 -47.80
N SER D 182 28.18 -39.08 -47.93
CA SER D 182 29.42 -38.30 -47.98
C SER D 182 29.83 -38.13 -49.44
N THR D 183 30.04 -36.87 -49.85
CA THR D 183 30.34 -36.57 -51.23
C THR D 183 31.62 -35.75 -51.33
N LEU D 184 32.63 -36.34 -51.95
CA LEU D 184 33.89 -35.68 -52.26
C LEU D 184 33.80 -35.11 -53.67
N THR D 185 33.79 -33.79 -53.78
CA THR D 185 33.69 -33.12 -55.08
C THR D 185 35.03 -32.49 -55.39
N LEU D 186 35.59 -32.87 -56.53
CA LEU D 186 36.87 -32.38 -57.01
C LEU D 186 36.65 -31.80 -58.41
N THR D 187 37.72 -31.30 -59.00
CA THR D 187 37.73 -31.00 -60.43
C THR D 187 38.01 -32.28 -61.21
N LYS D 188 37.66 -32.26 -62.50
CA LYS D 188 38.14 -33.32 -63.39
C LYS D 188 39.65 -33.45 -63.29
N ASP D 189 40.36 -32.32 -63.37
CA ASP D 189 41.81 -32.31 -63.30
C ASP D 189 42.32 -33.01 -62.05
N GLU D 190 41.91 -32.50 -60.88
CA GLU D 190 42.40 -33.01 -59.61
C GLU D 190 42.01 -34.47 -59.41
N TYR D 191 40.83 -34.86 -59.91
CA TYR D 191 40.39 -36.24 -59.78
C TYR D 191 41.27 -37.18 -60.61
N GLU D 192 41.76 -36.72 -61.76
CA GLU D 192 42.54 -37.58 -62.65
C GLU D 192 44.01 -37.66 -62.28
N ARG D 193 44.48 -36.87 -61.31
CA ARG D 193 45.87 -36.96 -60.87
C ARG D 193 46.06 -37.99 -59.76
N HIS D 194 45.00 -38.68 -59.34
CA HIS D 194 45.07 -39.65 -58.26
C HIS D 194 44.27 -40.88 -58.68
N ASN D 195 44.42 -41.98 -57.92
CA ASN D 195 43.94 -43.26 -58.41
C ASN D 195 43.00 -43.92 -57.40
N SER D 196 43.47 -44.21 -56.18
CA SER D 196 42.66 -44.93 -55.20
C SER D 196 41.82 -43.96 -54.37
N TYR D 197 40.55 -44.31 -54.18
CA TYR D 197 39.57 -43.42 -53.53
C TYR D 197 38.75 -44.22 -52.52
N THR D 198 38.77 -43.79 -51.26
CA THR D 198 38.18 -44.57 -50.16
C THR D 198 37.29 -43.69 -49.31
N CYS D 199 36.17 -44.27 -48.87
CA CYS D 199 35.43 -43.80 -47.71
C CYS D 199 35.41 -44.93 -46.67
N GLU D 200 35.57 -44.57 -45.40
CA GLU D 200 35.56 -45.53 -44.30
C GLU D 200 34.49 -45.13 -43.29
N ALA D 201 33.73 -46.12 -42.81
CA ALA D 201 32.66 -45.91 -41.85
C ALA D 201 33.11 -46.42 -40.49
N THR D 202 33.15 -45.54 -39.50
CA THR D 202 33.35 -45.92 -38.12
C THR D 202 32.02 -45.81 -37.37
N HIS D 203 31.57 -46.92 -36.83
CA HIS D 203 30.29 -46.99 -36.14
C HIS D 203 30.43 -47.91 -34.94
N LYS D 204 29.58 -47.69 -33.94
CA LYS D 204 29.58 -48.50 -32.74
C LYS D 204 29.57 -50.00 -33.05
N THR D 205 28.94 -50.40 -34.15
CA THR D 205 28.72 -51.80 -34.47
C THR D 205 29.98 -52.55 -34.87
N SER D 206 31.13 -51.91 -34.97
CA SER D 206 32.35 -52.62 -35.32
C SER D 206 33.57 -51.95 -34.71
N THR D 207 34.50 -52.76 -34.22
CA THR D 207 35.76 -52.22 -33.71
C THR D 207 36.63 -51.67 -34.83
N SER D 208 36.55 -52.27 -36.01
CA SER D 208 37.27 -51.98 -37.24
C SER D 208 36.36 -51.33 -38.28
N PRO D 209 36.84 -50.27 -38.95
CA PRO D 209 36.02 -49.57 -39.94
C PRO D 209 35.53 -50.45 -41.08
N ILE D 210 34.42 -50.03 -41.70
CA ILE D 210 33.97 -50.57 -42.97
C ILE D 210 34.56 -49.72 -44.08
N VAL D 211 35.19 -50.37 -45.06
CA VAL D 211 36.00 -49.70 -46.07
C VAL D 211 35.44 -50.02 -47.45
N LYS D 212 35.34 -49.01 -48.30
CA LYS D 212 34.96 -49.18 -49.70
C LYS D 212 35.86 -48.34 -50.59
N ASN D 213 36.30 -48.92 -51.70
CA ASN D 213 37.38 -48.34 -52.47
C ASN D 213 37.22 -48.63 -53.95
N PHE D 214 37.87 -47.80 -54.77
CA PHE D 214 37.95 -48.05 -56.20
C PHE D 214 39.20 -47.38 -56.76
N ASN D 215 39.65 -47.88 -57.91
CA ASN D 215 40.72 -47.30 -58.71
C ASN D 215 40.16 -46.87 -60.05
N ARG D 216 40.62 -45.73 -60.56
CA ARG D 216 40.35 -45.45 -61.97
C ARG D 216 41.20 -46.40 -62.81
N LEU E 4 -15.30 4.85 35.55
CA LEU E 4 -16.19 6.00 35.67
C LEU E 4 -16.65 6.23 37.10
N GLN E 5 -15.94 5.68 38.07
CA GLN E 5 -16.24 5.92 39.47
C GLN E 5 -14.94 6.26 40.18
N GLN E 6 -14.86 7.49 40.69
CA GLN E 6 -13.63 8.04 41.22
C GLN E 6 -13.67 8.03 42.75
N SER E 7 -12.52 8.30 43.33
CA SER E 7 -12.40 8.39 44.78
C SER E 7 -13.22 9.56 45.31
N GLY E 8 -13.51 9.52 46.61
CA GLY E 8 -14.26 10.58 47.24
C GLY E 8 -13.43 11.83 47.43
N PRO E 9 -14.06 12.86 47.97
CA PRO E 9 -13.38 14.15 48.11
C PRO E 9 -12.25 14.08 49.12
N GLU E 10 -11.22 14.87 48.87
CA GLU E 10 -10.01 14.89 49.69
C GLU E 10 -9.74 16.30 50.20
N LEU E 11 -9.32 16.39 51.47
CA LEU E 11 -8.84 17.64 52.07
C LEU E 11 -7.47 17.35 52.66
N VAL E 12 -6.42 17.87 52.03
CA VAL E 12 -5.05 17.63 52.46
C VAL E 12 -4.35 18.97 52.59
N ARG E 13 -3.21 18.96 53.31
CA ARG E 13 -2.36 20.11 53.60
C ARG E 13 -1.37 20.37 52.48
N PRO E 14 -0.95 21.63 52.29
CA PRO E 14 0.07 21.92 51.27
C PRO E 14 1.34 21.09 51.47
N GLY E 15 1.94 20.67 50.37
CA GLY E 15 3.22 19.98 50.39
C GLY E 15 3.15 18.47 50.41
N VAL E 16 2.01 17.87 50.75
CA VAL E 16 1.87 16.43 50.76
C VAL E 16 1.45 15.97 49.36
N SER E 17 1.25 14.66 49.19
CA SER E 17 0.79 14.11 47.93
C SER E 17 -0.51 13.33 48.16
N VAL E 18 -1.25 13.14 47.07
CA VAL E 18 -2.55 12.49 47.13
C VAL E 18 -2.69 11.63 45.88
N LYS E 19 -3.34 10.49 46.03
CA LYS E 19 -3.59 9.59 44.91
C LYS E 19 -5.09 9.41 44.78
N ILE E 20 -5.66 9.81 43.65
CA ILE E 20 -7.08 9.58 43.43
C ILE E 20 -7.23 8.52 42.35
N SER E 21 -8.35 7.81 42.40
CA SER E 21 -8.57 6.61 41.63
C SER E 21 -9.76 6.79 40.70
N CYS E 22 -9.72 6.07 39.58
CA CYS E 22 -10.78 6.08 38.58
C CYS E 22 -11.01 4.65 38.13
N LYS E 23 -12.21 4.13 38.37
CA LYS E 23 -12.52 2.73 38.19
C LYS E 23 -13.58 2.52 37.13
N GLY E 24 -13.29 1.67 36.16
CA GLY E 24 -14.23 1.30 35.12
C GLY E 24 -14.82 -0.08 35.33
N PHE E 29 -12.15 -2.75 30.11
CA PHE E 29 -11.25 -1.70 30.55
C PHE E 29 -10.12 -1.48 29.55
N THR E 30 -9.67 -2.57 28.94
CA THR E 30 -8.55 -2.55 28.01
C THR E 30 -8.90 -1.93 26.66
N ASP E 31 -10.11 -1.44 26.48
CA ASP E 31 -10.52 -0.86 25.23
C ASP E 31 -10.32 0.63 25.09
N TYR E 32 -9.92 1.32 26.14
CA TYR E 32 -9.78 2.75 26.06
C TYR E 32 -8.54 3.41 26.56
N ALA E 33 -8.43 4.66 26.21
CA ALA E 33 -7.43 5.52 26.71
C ALA E 33 -8.11 6.25 27.86
N LEU E 34 -7.41 6.47 28.93
CA LEU E 34 -8.05 7.15 30.06
C LEU E 34 -7.35 8.47 30.29
N HIS E 35 -8.15 9.52 30.42
CA HIS E 35 -7.67 10.89 30.46
C HIS E 35 -8.00 11.49 31.82
N TRP E 36 -7.19 12.46 32.23
CA TRP E 36 -7.48 13.23 33.42
C TRP E 36 -7.65 14.69 33.03
N VAL E 37 -8.72 15.30 33.53
CA VAL E 37 -9.07 16.68 33.22
C VAL E 37 -9.38 17.37 34.53
N ARG E 38 -8.75 18.51 34.77
CA ARG E 38 -8.90 19.25 36.00
C ARG E 38 -9.68 20.51 35.74
N GLN E 39 -10.63 20.79 36.62
CA GLN E 39 -11.49 21.94 36.48
C GLN E 39 -11.37 22.76 37.76
N SER E 40 -10.84 23.98 37.63
CA SER E 40 -10.59 24.82 38.80
C SER E 40 -11.79 25.72 39.10
N HIS E 41 -11.66 26.53 40.16
CA HIS E 41 -12.74 27.34 40.73
C HIS E 41 -12.99 28.62 39.95
N VAL E 42 -12.35 28.76 38.78
CA VAL E 42 -12.86 29.68 37.77
C VAL E 42 -13.59 28.96 36.63
N LYS E 43 -13.89 27.65 36.78
CA LYS E 43 -14.43 26.90 35.63
C LYS E 43 -13.76 27.17 34.30
N SER E 44 -12.51 26.71 34.30
CA SER E 44 -11.61 26.63 33.16
C SER E 44 -11.09 25.21 33.17
N LEU E 45 -11.38 24.45 32.13
CA LEU E 45 -10.97 23.06 32.05
C LEU E 45 -9.58 22.97 31.45
N GLU E 46 -8.83 21.98 31.92
CA GLU E 46 -7.47 21.76 31.46
C GLU E 46 -7.21 20.26 31.38
N TRP E 47 -6.59 19.84 30.28
CA TRP E 47 -6.25 18.44 30.10
C TRP E 47 -4.91 18.14 30.75
N ILE E 48 -4.86 17.05 31.52
CA ILE E 48 -3.67 16.68 32.28
C ILE E 48 -2.84 15.67 31.51
N GLY E 49 -3.43 14.52 31.21
CA GLY E 49 -2.72 13.56 30.38
C GLY E 49 -3.61 12.39 30.00
N VAL E 50 -3.01 11.45 29.29
CA VAL E 50 -3.68 10.22 28.88
C VAL E 50 -2.77 9.06 29.24
N ILE E 51 -3.40 7.96 29.61
CA ILE E 51 -2.69 6.72 29.88
C ILE E 51 -3.39 5.63 29.09
N SER E 52 -2.61 4.66 28.63
CA SER E 52 -3.15 3.51 27.92
C SER E 52 -3.34 2.40 28.94
N SER E 53 -4.57 1.91 29.05
CA SER E 53 -4.83 0.87 30.05
C SER E 53 -3.96 -0.34 29.80
N TYR E 54 -3.84 -0.76 28.53
CA TYR E 54 -3.19 -2.03 28.25
C TYR E 54 -1.67 -1.94 28.14
N ASN E 55 -1.08 -0.77 27.85
CA ASN E 55 0.38 -0.63 27.88
C ASN E 55 0.94 0.25 29.00
N GLY E 56 0.11 1.01 29.71
CA GLY E 56 0.69 1.95 30.63
C GLY E 56 1.49 3.07 29.99
N ILE E 57 1.51 3.17 28.66
CA ILE E 57 2.25 4.25 28.01
C ILE E 57 1.49 5.54 28.21
N THR E 58 2.23 6.64 28.38
CA THR E 58 1.64 7.87 28.84
C THR E 58 1.99 9.02 27.91
N ASN E 59 1.14 10.05 27.94
CA ASN E 59 1.45 11.33 27.33
C ASN E 59 0.92 12.41 28.27
N TYR E 60 1.82 13.27 28.73
CA TYR E 60 1.52 14.28 29.72
C TYR E 60 1.50 15.67 29.11
N ASN E 61 0.52 16.47 29.49
CA ASN E 61 0.67 17.91 29.33
C ASN E 61 1.93 18.32 30.10
N GLN E 62 2.88 18.96 29.40
CA GLN E 62 4.18 19.27 29.97
C GLN E 62 4.03 20.12 31.23
N ARG E 63 3.01 20.99 31.23
CA ARG E 63 2.71 21.83 32.38
C ARG E 63 2.43 21.01 33.64
N PHE E 64 1.82 19.82 33.49
CA PHE E 64 1.52 18.98 34.64
C PHE E 64 2.52 17.86 34.86
N LYS E 65 3.60 17.79 34.07
CA LYS E 65 4.62 16.81 34.36
C LYS E 65 5.33 17.17 35.66
N GLY E 66 5.43 16.18 36.54
CA GLY E 66 6.03 16.31 37.87
C GLY E 66 5.02 16.72 38.92
N LYS E 67 4.00 17.49 38.54
CA LYS E 67 2.89 17.73 39.45
C LYS E 67 1.92 16.56 39.42
N ALA E 68 2.00 15.74 38.38
CA ALA E 68 1.05 14.67 38.14
C ALA E 68 1.80 13.43 37.67
N THR E 69 1.34 12.26 38.13
CA THR E 69 1.89 10.99 37.69
C THR E 69 0.73 10.03 37.49
N MET E 70 0.66 9.43 36.30
CA MET E 70 -0.47 8.59 35.91
C MET E 70 -0.04 7.13 35.93
N THR E 71 -0.91 6.29 36.49
CA THR E 71 -0.60 4.87 36.63
C THR E 71 -1.89 4.08 36.51
N VAL E 72 -1.76 2.85 36.02
CA VAL E 72 -2.90 1.97 35.79
C VAL E 72 -2.62 0.61 36.41
N ASP E 73 -3.68 0.00 36.94
CA ASP E 73 -3.67 -1.41 37.36
C ASP E 73 -4.79 -2.14 36.63
N LYS E 74 -4.42 -3.07 35.74
CA LYS E 74 -5.42 -3.72 34.91
C LYS E 74 -6.14 -4.85 35.62
N SER E 75 -5.54 -5.48 36.62
CA SER E 75 -6.27 -6.54 37.32
C SER E 75 -7.49 -5.95 38.01
N SER E 76 -7.32 -4.81 38.66
CA SER E 76 -8.38 -4.11 39.34
C SER E 76 -9.22 -3.25 38.41
N SER E 77 -8.78 -3.01 37.17
CA SER E 77 -9.46 -2.11 36.22
C SER E 77 -9.64 -0.71 36.80
N THR E 78 -8.51 -0.14 37.24
CA THR E 78 -8.49 1.12 37.94
C THR E 78 -7.28 1.93 37.52
N ALA E 79 -7.47 3.22 37.30
CA ALA E 79 -6.39 4.14 37.00
C ALA E 79 -6.19 5.13 38.15
N TYR E 80 -4.93 5.55 38.32
CA TYR E 80 -4.56 6.47 39.39
C TYR E 80 -3.87 7.71 38.84
N LEU E 81 -4.23 8.85 39.41
CA LEU E 81 -3.48 10.09 39.23
C LEU E 81 -2.89 10.45 40.59
N GLU E 82 -1.57 10.56 40.69
CA GLU E 82 -0.94 11.02 41.91
C GLU E 82 -0.51 12.46 41.73
N LEU E 83 -1.04 13.34 42.58
CA LEU E 83 -0.64 14.72 42.65
C LEU E 83 0.37 14.89 43.78
N ALA E 84 1.54 15.44 43.48
CA ALA E 84 2.61 15.54 44.46
C ALA E 84 3.03 16.99 44.65
N ARG E 85 3.62 17.25 45.82
CA ARG E 85 4.02 18.59 46.24
C ARG E 85 2.85 19.56 46.06
N LEU E 86 1.83 19.30 46.85
CA LEU E 86 0.52 19.92 46.65
C LEU E 86 0.48 21.35 47.13
N THR E 87 -0.37 22.11 46.47
CA THR E 87 -0.44 23.54 46.71
C THR E 87 -1.85 24.01 46.42
N SER E 88 -2.21 25.16 47.00
CA SER E 88 -3.58 25.67 46.90
C SER E 88 -4.13 25.80 45.47
N GLU E 89 -3.27 25.81 44.44
CA GLU E 89 -3.70 25.81 43.04
C GLU E 89 -4.24 24.47 42.58
N ASP E 90 -3.88 23.41 43.27
CA ASP E 90 -4.33 22.12 42.85
C ASP E 90 -5.70 21.84 43.41
N SER E 91 -6.25 22.77 44.19
CA SER E 91 -7.66 22.70 44.54
C SER E 91 -8.47 22.86 43.27
N ALA E 92 -9.29 21.85 42.98
CA ALA E 92 -10.00 21.77 41.71
C ALA E 92 -10.85 20.50 41.75
N ILE E 93 -11.71 20.35 40.77
CA ILE E 93 -12.41 19.10 40.54
C ILE E 93 -11.63 18.30 39.51
N TYR E 94 -11.19 17.11 39.90
CA TYR E 94 -10.41 16.26 39.01
C TYR E 94 -11.33 15.21 38.42
N TYR E 95 -11.49 15.27 37.11
CA TYR E 95 -12.30 14.32 36.36
C TYR E 95 -11.38 13.30 35.70
N CYS E 96 -11.86 12.08 35.56
CA CYS E 96 -11.29 11.13 34.63
C CYS E 96 -12.30 10.88 33.53
N SER E 97 -11.79 10.62 32.34
CA SER E 97 -12.65 10.38 31.21
C SER E 97 -11.91 9.52 30.21
N ARG E 98 -12.65 8.85 29.35
CA ARG E 98 -12.04 7.96 28.39
C ARG E 98 -12.32 8.29 26.93
N GLU E 99 -11.46 7.76 26.08
CA GLU E 99 -11.55 7.93 24.63
C GLU E 99 -11.29 6.60 23.95
N GLU E 100 -12.18 6.19 23.06
CA GLU E 100 -12.03 4.91 22.35
C GLU E 100 -10.82 4.98 21.43
N TRP E 101 -10.27 3.83 21.07
CA TRP E 101 -9.11 3.83 20.19
C TRP E 101 -9.37 4.41 18.81
N ASP E 102 -10.03 3.69 17.90
CA ASP E 102 -10.13 4.15 16.53
C ASP E 102 -11.40 4.94 16.20
N VAL E 103 -11.98 5.65 17.18
CA VAL E 103 -13.09 6.54 16.85
C VAL E 103 -12.66 8.00 16.70
N PHE E 104 -13.62 8.86 16.33
CA PHE E 104 -13.39 10.25 15.96
C PHE E 104 -13.75 11.26 17.05
N TYR E 105 -14.10 10.80 18.26
CA TYR E 105 -14.53 11.70 19.32
C TYR E 105 -13.76 11.38 20.60
N TYR E 106 -13.82 12.30 21.57
CA TYR E 106 -13.02 12.09 22.77
C TYR E 106 -13.80 11.60 23.99
N PHE E 107 -14.46 12.50 24.71
CA PHE E 107 -14.94 12.16 26.05
C PHE E 107 -16.44 11.89 26.00
N ASP E 108 -16.79 10.59 26.03
CA ASP E 108 -18.18 10.15 26.01
C ASP E 108 -18.78 10.10 27.41
N TYR E 109 -18.16 9.30 28.27
CA TYR E 109 -18.53 9.16 29.65
C TYR E 109 -17.51 9.79 30.58
N TRP E 110 -17.97 10.51 31.59
CA TRP E 110 -17.08 11.09 32.56
C TRP E 110 -17.29 10.41 33.91
N GLY E 111 -16.24 10.40 34.72
CA GLY E 111 -16.45 10.15 36.12
C GLY E 111 -17.23 11.29 36.74
N GLN E 112 -17.65 11.08 37.99
CA GLN E 112 -18.38 12.12 38.71
C GLN E 112 -17.47 13.26 39.13
N GLY E 113 -16.17 13.03 39.17
CA GLY E 113 -15.27 14.06 39.66
C GLY E 113 -14.88 13.80 41.10
N THR E 114 -13.67 14.22 41.45
CA THR E 114 -13.17 14.15 42.82
C THR E 114 -12.74 15.55 43.23
N THR E 115 -13.48 16.15 44.16
CA THR E 115 -13.14 17.50 44.62
C THR E 115 -11.98 17.42 45.60
N LEU E 116 -10.93 18.20 45.31
CA LEU E 116 -9.72 18.24 46.10
C LEU E 116 -9.51 19.65 46.63
N THR E 117 -9.35 19.76 47.95
CA THR E 117 -9.04 21.02 48.61
C THR E 117 -7.71 20.90 49.32
N VAL E 118 -6.82 21.87 49.09
CA VAL E 118 -5.53 21.94 49.77
C VAL E 118 -5.47 23.27 50.52
N SER E 119 -5.33 23.19 51.84
CA SER E 119 -5.33 24.37 52.69
C SER E 119 -4.64 24.04 54.00
N SER E 120 -4.13 25.08 54.67
CA SER E 120 -3.54 24.94 55.98
C SER E 120 -4.52 25.16 57.12
N ALA E 121 -5.72 25.64 56.82
CA ALA E 121 -6.67 26.01 57.86
C ALA E 121 -7.14 24.77 58.62
N LYS E 122 -7.71 25.02 59.80
CA LYS E 122 -8.27 23.99 60.66
C LYS E 122 -9.78 24.15 60.70
N THR E 123 -10.46 23.07 61.08
CA THR E 123 -11.89 23.18 61.26
C THR E 123 -12.16 24.38 62.16
N THR E 124 -12.84 25.38 61.60
CA THR E 124 -13.10 26.63 62.30
C THR E 124 -14.58 26.95 62.17
N PRO E 125 -15.32 27.10 63.27
CA PRO E 125 -16.74 27.37 63.16
C PRO E 125 -16.94 28.78 62.65
N PRO E 126 -18.08 29.06 62.02
CA PRO E 126 -18.33 30.42 61.53
C PRO E 126 -18.68 31.34 62.67
N SER E 127 -18.43 32.62 62.44
CA SER E 127 -18.98 33.67 63.27
C SER E 127 -20.16 34.27 62.51
N VAL E 128 -21.32 34.31 63.17
CA VAL E 128 -22.55 34.74 62.53
C VAL E 128 -22.94 36.10 63.09
N TYR E 129 -23.14 37.06 62.19
CA TYR E 129 -23.43 38.40 62.64
C TYR E 129 -24.75 38.84 62.05
N PRO E 130 -25.59 39.51 62.84
CA PRO E 130 -26.85 39.99 62.29
C PRO E 130 -26.61 41.19 61.41
N LEU E 131 -27.44 41.33 60.39
CA LEU E 131 -27.43 42.53 59.55
C LEU E 131 -28.83 43.08 59.69
N ALA E 132 -28.96 44.12 60.50
CA ALA E 132 -30.21 44.79 60.73
C ALA E 132 -30.16 46.19 60.13
N PRO E 133 -31.29 46.76 59.74
CA PRO E 133 -31.24 48.11 59.16
C PRO E 133 -30.78 49.14 60.19
N SER E 141 -44.43 48.38 50.81
CA SER E 141 -43.08 48.62 51.32
C SER E 141 -42.52 47.35 51.97
N MET E 142 -41.24 47.08 51.73
CA MET E 142 -40.58 45.88 52.21
C MET E 142 -39.36 46.25 53.06
N VAL E 143 -38.85 45.26 53.79
CA VAL E 143 -37.68 45.41 54.63
C VAL E 143 -36.68 44.31 54.28
N THR E 144 -35.39 44.64 54.31
CA THR E 144 -34.34 43.67 54.01
C THR E 144 -33.45 43.47 55.23
N LEU E 145 -33.31 42.21 55.61
CA LEU E 145 -32.47 41.78 56.73
C LEU E 145 -31.41 40.80 56.22
N GLY E 146 -30.36 40.55 56.99
CA GLY E 146 -29.33 39.65 56.51
C GLY E 146 -28.52 39.03 57.63
N CYS E 147 -27.72 38.05 57.24
CA CYS E 147 -26.74 37.46 58.12
C CYS E 147 -25.40 37.47 57.41
N LEU E 148 -24.34 37.65 58.19
CA LEU E 148 -22.97 37.61 57.69
C LEU E 148 -22.28 36.43 58.38
N VAL E 149 -21.77 35.50 57.58
CA VAL E 149 -21.19 34.26 58.06
C VAL E 149 -19.71 34.29 57.69
N LYS E 150 -18.85 34.48 58.67
CA LYS E 150 -17.49 34.93 58.42
C LYS E 150 -16.45 34.05 59.10
N GLY E 151 -15.41 33.70 58.34
CA GLY E 151 -14.22 33.10 58.90
C GLY E 151 -14.29 31.62 59.22
N TYR E 152 -14.93 30.83 58.36
CA TYR E 152 -15.12 29.41 58.62
C TYR E 152 -14.29 28.58 57.64
N PHE E 153 -14.03 27.35 58.07
CA PHE E 153 -13.35 26.35 57.26
C PHE E 153 -13.58 25.01 57.91
N PRO E 154 -13.84 23.97 57.09
CA PRO E 154 -13.95 24.10 55.63
C PRO E 154 -15.37 24.38 55.17
N GLU E 155 -15.55 24.54 53.86
CA GLU E 155 -16.89 24.54 53.29
C GLU E 155 -17.48 23.15 53.41
N PRO E 156 -18.83 23.05 53.45
CA PRO E 156 -19.85 24.08 53.31
C PRO E 156 -20.45 24.61 54.62
N VAL E 157 -21.38 25.56 54.46
CA VAL E 157 -22.24 26.05 55.52
C VAL E 157 -23.66 26.12 54.97
N THR E 158 -24.64 25.92 55.86
CA THR E 158 -26.04 25.99 55.47
C THR E 158 -26.70 27.13 56.22
N VAL E 159 -27.42 27.97 55.49
CA VAL E 159 -28.17 29.08 56.07
C VAL E 159 -29.64 28.89 55.71
N THR E 160 -30.50 29.03 56.72
CA THR E 160 -31.94 29.11 56.50
C THR E 160 -32.48 30.30 57.30
N TRP E 161 -33.76 30.59 57.11
CA TRP E 161 -34.41 31.70 57.80
C TRP E 161 -35.70 31.19 58.43
N ASN E 162 -35.84 31.40 59.74
CA ASN E 162 -36.92 30.84 60.54
C ASN E 162 -37.14 29.37 60.18
N SER E 163 -36.03 28.64 60.00
CA SER E 163 -36.01 27.18 59.88
C SER E 163 -36.65 26.67 58.59
N GLY E 164 -36.56 27.44 57.49
CA GLY E 164 -37.12 27.05 56.22
C GLY E 164 -38.47 27.67 55.90
N SER E 165 -39.12 28.30 56.87
CA SER E 165 -40.41 28.93 56.61
C SER E 165 -40.27 30.14 55.70
N LEU E 166 -39.12 30.81 55.73
CA LEU E 166 -38.83 31.92 54.84
C LEU E 166 -37.93 31.43 53.71
N SER E 167 -38.52 31.28 52.54
CA SER E 167 -37.84 30.86 51.31
C SER E 167 -37.89 31.93 50.23
N SER E 168 -39.06 32.49 49.95
CA SER E 168 -39.13 33.58 49.00
C SER E 168 -38.36 34.79 49.53
N GLY E 169 -37.81 35.54 48.59
CA GLY E 169 -37.07 36.74 48.92
C GLY E 169 -35.81 36.49 49.70
N VAL E 170 -35.13 35.38 49.44
CA VAL E 170 -33.86 35.06 50.05
C VAL E 170 -32.79 35.02 48.98
N HIS E 171 -31.65 35.64 49.27
CA HIS E 171 -30.44 35.48 48.48
C HIS E 171 -29.32 35.04 49.40
N THR E 172 -28.73 33.89 49.10
CA THR E 172 -27.61 33.34 49.86
C THR E 172 -26.45 33.18 48.90
N PHE E 173 -25.43 33.91 49.11
CA PHE E 173 -24.37 34.10 48.15
C PHE E 173 -23.26 33.06 48.35
N PRO E 174 -22.56 32.68 47.28
CA PRO E 174 -21.46 31.71 47.40
C PRO E 174 -20.33 32.25 48.27
N ALA E 175 -19.68 31.32 48.97
CA ALA E 175 -18.53 31.66 49.81
C ALA E 175 -17.38 32.22 48.96
N VAL E 176 -16.59 33.08 49.58
CA VAL E 176 -15.32 33.55 49.02
C VAL E 176 -14.21 33.31 50.03
N LEU E 177 -12.99 33.30 49.52
CA LEU E 177 -11.80 33.15 50.33
C LEU E 177 -11.11 34.48 50.57
N GLN E 178 -10.84 34.74 51.84
CA GLN E 178 -9.75 35.59 52.30
C GLN E 178 -9.29 34.84 53.54
N SER E 179 -8.03 35.04 53.94
CA SER E 179 -7.51 34.50 55.20
C SER E 179 -7.45 32.98 55.22
N ASP E 180 -7.47 32.34 54.05
CA ASP E 180 -7.68 30.89 53.94
C ASP E 180 -9.00 30.46 54.56
N LEU E 181 -9.89 31.41 54.80
CA LEU E 181 -11.15 31.15 55.47
C LEU E 181 -12.31 31.66 54.61
N TYR E 182 -13.42 30.95 54.68
CA TYR E 182 -14.57 31.27 53.86
C TYR E 182 -15.45 32.30 54.56
N THR E 183 -16.10 33.14 53.75
CA THR E 183 -17.10 34.05 54.29
C THR E 183 -18.24 34.14 53.28
N LEU E 184 -19.46 34.17 53.79
CA LEU E 184 -20.61 34.44 52.94
C LEU E 184 -21.64 35.20 53.75
N SER E 185 -22.70 35.61 53.06
CA SER E 185 -23.79 36.37 53.64
C SER E 185 -25.10 35.90 53.02
N SER E 186 -26.19 36.04 53.78
CA SER E 186 -27.52 35.74 53.27
C SER E 186 -28.40 36.96 53.47
N SER E 187 -29.28 37.21 52.52
CA SER E 187 -30.25 38.29 52.62
C SER E 187 -31.66 37.72 52.53
N VAL E 188 -32.59 38.32 53.27
CA VAL E 188 -34.00 37.96 53.21
C VAL E 188 -34.82 39.25 53.21
N THR E 189 -35.77 39.34 52.30
CA THR E 189 -36.60 40.53 52.12
C THR E 189 -38.04 40.19 52.46
N VAL E 190 -38.66 41.02 53.29
CA VAL E 190 -39.89 40.66 53.99
C VAL E 190 -40.73 41.93 54.15
N PRO E 191 -42.06 41.81 54.24
CA PRO E 191 -42.90 43.01 54.34
C PRO E 191 -42.68 43.83 55.60
N SER E 192 -42.82 45.15 55.43
CA SER E 192 -42.78 46.10 56.54
C SER E 192 -43.65 45.67 57.72
N SER E 193 -44.79 45.06 57.44
CA SER E 193 -45.75 44.72 58.48
C SER E 193 -45.37 43.49 59.30
N THR E 194 -44.54 42.60 58.74
CA THR E 194 -44.15 41.42 59.50
C THR E 194 -42.97 41.66 60.43
N TRP E 195 -42.08 42.60 60.12
CA TRP E 195 -40.87 42.78 60.92
C TRP E 195 -40.68 44.23 61.36
N PRO E 196 -40.27 44.46 62.61
CA PRO E 196 -39.92 43.60 63.76
C PRO E 196 -41.12 42.96 64.45
N SER E 197 -42.33 43.34 64.03
CA SER E 197 -43.57 42.83 64.63
C SER E 197 -43.47 41.34 64.93
N GLU E 198 -43.27 40.52 63.92
CA GLU E 198 -43.00 39.10 64.10
C GLU E 198 -41.54 38.83 63.74
N THR E 199 -40.98 37.78 64.33
CA THR E 199 -39.53 37.59 64.41
C THR E 199 -38.93 36.96 63.15
N VAL E 200 -37.74 37.43 62.81
CA VAL E 200 -36.92 36.89 61.72
C VAL E 200 -35.61 36.40 62.31
N THR E 201 -35.29 35.13 62.07
CA THR E 201 -34.10 34.50 62.61
C THR E 201 -33.37 33.79 61.49
N CYS E 202 -32.05 33.92 61.44
CA CYS E 202 -31.25 33.17 60.48
C CYS E 202 -30.57 32.02 61.19
N ASN E 203 -30.53 30.88 60.51
CA ASN E 203 -30.10 29.62 61.08
C ASN E 203 -28.90 29.13 60.28
N VAL E 204 -27.72 29.16 60.90
CA VAL E 204 -26.47 28.78 60.24
C VAL E 204 -26.05 27.41 60.77
N ALA E 205 -25.68 26.51 59.86
CA ALA E 205 -25.19 25.19 60.23
C ALA E 205 -23.83 24.97 59.59
N HIS E 206 -22.84 24.62 60.41
CA HIS E 206 -21.50 24.28 59.94
C HIS E 206 -21.21 22.85 60.39
N PRO E 207 -21.60 21.86 59.58
CA PRO E 207 -21.46 20.46 60.02
C PRO E 207 -20.04 20.04 60.33
N ALA E 208 -19.03 20.73 59.79
CA ALA E 208 -17.66 20.30 60.00
C ALA E 208 -17.18 20.52 61.43
N SER E 209 -17.63 21.60 62.03
CA SER E 209 -17.31 21.87 63.42
C SER E 209 -18.45 21.48 64.36
N SER E 210 -19.45 20.84 63.80
CA SER E 210 -20.63 20.46 64.52
C SER E 210 -21.11 21.67 65.24
N THR E 211 -21.36 22.70 64.46
CA THR E 211 -21.81 23.96 64.98
C THR E 211 -23.10 24.37 64.36
N LYS E 212 -23.98 24.90 65.17
CA LYS E 212 -25.25 25.37 64.73
C LYS E 212 -25.46 26.68 65.46
N VAL E 213 -25.82 27.72 64.75
CA VAL E 213 -25.99 29.03 65.35
C VAL E 213 -27.29 29.70 64.95
N ASP E 214 -28.02 30.20 65.91
CA ASP E 214 -29.26 30.85 65.65
C ASP E 214 -29.10 32.28 66.07
N LYS E 215 -29.57 33.17 65.23
CA LYS E 215 -29.42 34.56 65.47
C LYS E 215 -30.66 35.34 65.15
N LYS E 216 -31.25 35.93 66.17
CA LYS E 216 -32.40 36.74 66.01
C LYS E 216 -31.98 38.06 65.47
N ILE E 217 -32.74 38.58 64.54
CA ILE E 217 -32.47 39.88 63.99
C ILE E 217 -33.26 40.90 64.74
N GLU E 218 -32.65 41.49 65.76
CA GLU E 218 -33.27 42.49 66.60
C GLU E 218 -32.93 43.83 65.98
N THR E 219 -33.91 44.69 65.92
CA THR E 219 -33.76 46.01 65.33
C THR E 219 -32.47 46.75 65.58
N ASP F 1 1.58 26.06 22.08
CA ASP F 1 0.29 25.62 22.59
C ASP F 1 -0.88 26.28 21.87
N ILE F 2 -1.97 25.53 21.72
CA ILE F 2 -3.15 26.03 21.02
C ILE F 2 -4.04 26.62 22.11
N MET F 3 -4.21 27.91 22.14
CA MET F 3 -5.12 28.47 23.06
C MET F 3 -6.41 28.68 22.31
N LEU F 4 -7.51 28.28 22.95
CA LEU F 4 -8.84 28.40 22.38
C LEU F 4 -9.57 29.52 23.11
N THR F 5 -9.85 30.59 22.38
CA THR F 5 -10.52 31.74 22.97
C THR F 5 -11.94 31.85 22.42
N GLN F 6 -12.91 31.89 23.31
CA GLN F 6 -14.32 31.94 22.96
C GLN F 6 -14.93 33.32 23.13
N SER F 7 -15.90 33.61 22.29
CA SER F 7 -16.65 34.85 22.35
C SER F 7 -18.13 34.52 22.20
N PRO F 8 -18.95 35.16 23.04
CA PRO F 8 -18.54 35.93 24.22
C PRO F 8 -18.50 34.98 25.42
N LEU F 9 -18.43 35.54 26.63
CA LEU F 9 -18.45 34.77 27.86
C LEU F 9 -19.91 34.53 28.23
N SER F 10 -20.76 35.55 28.05
CA SER F 10 -22.16 35.40 28.35
C SER F 10 -23.00 35.70 27.12
N LEU F 11 -23.90 34.78 26.81
CA LEU F 11 -24.85 34.96 25.71
C LEU F 11 -26.27 34.93 26.26
N PRO F 12 -26.92 36.09 26.43
CA PRO F 12 -28.34 36.12 26.85
C PRO F 12 -29.31 35.85 25.70
N VAL F 13 -30.34 35.02 25.94
CA VAL F 13 -31.32 34.64 24.91
C VAL F 13 -32.69 34.35 25.52
N SER F 14 -33.75 34.43 24.68
CA SER F 14 -35.08 33.98 25.08
C SER F 14 -35.18 32.56 24.60
N LEU F 15 -35.78 31.71 25.40
CA LEU F 15 -35.84 30.33 24.97
C LEU F 15 -36.64 30.23 23.67
N GLY F 16 -35.98 29.75 22.61
CA GLY F 16 -36.47 29.87 21.24
C GLY F 16 -35.74 30.88 20.34
N ASP F 17 -34.93 31.79 20.89
CA ASP F 17 -34.14 32.71 20.08
C ASP F 17 -32.95 31.99 19.43
N GLN F 18 -32.16 32.73 18.66
CA GLN F 18 -31.01 32.16 17.96
C GLN F 18 -29.73 32.77 18.53
N ALA F 19 -28.95 31.97 19.24
CA ALA F 19 -27.65 32.40 19.73
C ALA F 19 -26.58 31.47 19.19
N SER F 20 -25.40 32.04 18.96
CA SER F 20 -24.29 31.29 18.39
C SER F 20 -23.03 31.60 19.16
N ILE F 21 -22.37 30.56 19.66
CA ILE F 21 -21.11 30.69 20.36
C ILE F 21 -19.99 30.38 19.38
N SER F 22 -18.91 31.15 19.44
CA SER F 22 -17.80 31.06 18.51
C SER F 22 -16.53 30.64 19.24
N CYS F 23 -15.74 29.81 18.57
CA CYS F 23 -14.47 29.35 19.12
C CYS F 23 -13.37 29.64 18.11
N ARG F 24 -12.31 30.31 18.57
CA ARG F 24 -11.18 30.68 17.72
C ARG F 24 -9.87 30.17 18.32
N SER F 25 -9.05 29.54 17.49
CA SER F 25 -7.76 28.97 17.85
C SER F 25 -6.59 29.81 17.34
N SER F 26 -5.47 29.77 18.08
CA SER F 26 -4.28 30.54 17.74
C SER F 26 -3.52 30.00 16.53
N GLN F 27 -3.73 28.74 16.16
CA GLN F 27 -3.21 28.20 14.91
C GLN F 27 -4.14 27.09 14.43
N GLY F 28 -3.78 26.49 13.30
CA GLY F 28 -4.63 25.46 12.71
C GLY F 28 -4.66 24.20 13.56
N ILE F 29 -5.87 23.61 13.66
CA ILE F 29 -6.11 22.39 14.43
C ILE F 29 -6.35 21.14 13.59
N VAL F 30 -5.85 21.09 12.36
CA VAL F 30 -5.99 19.87 11.54
C VAL F 30 -4.94 18.83 11.94
N HIS F 31 -5.42 17.66 12.38
CA HIS F 31 -4.65 16.49 12.79
C HIS F 31 -3.87 15.90 11.62
N SER F 32 -2.90 15.04 11.93
CA SER F 32 -2.17 14.31 10.90
C SER F 32 -3.11 13.52 9.98
N ASP F 33 -4.35 13.25 10.42
CA ASP F 33 -5.28 12.46 9.65
C ASP F 33 -5.92 13.22 8.51
N GLY F 34 -5.85 14.53 8.51
CA GLY F 34 -6.71 15.33 7.70
C GLY F 34 -7.99 15.72 8.41
N ASN F 35 -8.34 15.01 9.48
CA ASN F 35 -9.50 15.35 10.28
C ASN F 35 -9.17 16.51 11.22
N THR F 36 -10.21 17.23 11.62
CA THR F 36 -10.13 18.32 12.57
C THR F 36 -10.89 17.88 13.82
N TYR F 37 -10.18 17.62 14.91
CA TYR F 37 -10.85 17.09 16.09
C TYR F 37 -11.13 18.27 17.03
N LEU F 38 -12.28 18.89 16.79
CA LEU F 38 -12.76 20.04 17.55
C LEU F 38 -14.08 19.66 18.19
N GLU F 39 -14.25 19.92 19.46
CA GLU F 39 -15.52 19.48 20.00
C GLU F 39 -16.18 20.61 20.75
N TRP F 40 -17.47 20.44 21.00
CA TRP F 40 -18.23 21.35 21.84
C TRP F 40 -18.83 20.54 22.97
N TYR F 41 -18.67 21.04 24.19
CA TYR F 41 -19.18 20.39 25.38
C TYR F 41 -20.12 21.36 26.09
N LEU F 42 -21.14 20.80 26.73
CA LEU F 42 -22.09 21.59 27.50
C LEU F 42 -22.03 21.11 28.94
N GLN F 43 -21.85 22.04 29.87
CA GLN F 43 -21.74 21.68 31.29
C GLN F 43 -22.87 22.34 32.07
N LYS F 44 -23.76 21.51 32.59
CA LYS F 44 -24.78 21.91 33.55
C LYS F 44 -24.16 22.02 34.94
N PRO F 45 -24.61 22.96 35.76
CA PRO F 45 -23.97 23.13 37.08
C PRO F 45 -24.11 21.86 37.91
N GLY F 46 -22.99 21.45 38.50
CA GLY F 46 -22.96 20.29 39.36
C GLY F 46 -22.78 18.97 38.65
N GLN F 47 -22.51 18.97 37.34
CA GLN F 47 -22.36 17.72 36.62
C GLN F 47 -21.17 17.80 35.68
N SER F 48 -20.78 16.63 35.17
CA SER F 48 -19.69 16.54 34.22
C SER F 48 -20.08 17.23 32.91
N PRO F 49 -19.12 17.73 32.15
CA PRO F 49 -19.43 18.20 30.80
C PRO F 49 -19.92 17.04 29.94
N LYS F 50 -20.73 17.37 28.95
CA LYS F 50 -21.31 16.37 28.06
C LYS F 50 -20.98 16.73 26.62
N LEU F 51 -20.62 15.70 25.84
CA LEU F 51 -20.26 15.92 24.45
C LEU F 51 -21.50 16.22 23.62
N LEU F 52 -21.39 17.22 22.76
CA LEU F 52 -22.46 17.59 21.84
C LEU F 52 -22.02 17.43 20.40
N ILE F 53 -21.01 18.18 19.97
CA ILE F 53 -20.52 18.18 18.60
C ILE F 53 -19.08 17.67 18.62
N TYR F 54 -18.77 16.74 17.74
CA TYR F 54 -17.41 16.24 17.56
C TYR F 54 -17.02 16.36 16.09
N LYS F 55 -15.77 16.02 15.78
CA LYS F 55 -15.14 16.41 14.50
C LYS F 55 -15.34 17.92 14.43
N VAL F 56 -15.72 18.52 13.31
CA VAL F 56 -16.22 19.89 13.39
C VAL F 56 -17.75 19.93 13.45
N SER F 57 -18.42 19.15 12.61
CA SER F 57 -19.87 19.25 12.47
C SER F 57 -20.68 18.07 13.00
N ASN F 58 -20.05 16.96 13.38
CA ASN F 58 -20.85 15.78 13.71
C ASN F 58 -21.52 15.95 15.06
N ARG F 59 -22.83 15.73 15.09
CA ARG F 59 -23.53 15.65 16.36
C ARG F 59 -23.41 14.25 16.92
N PHE F 60 -23.14 14.15 18.21
CA PHE F 60 -23.10 12.84 18.83
C PHE F 60 -24.54 12.32 18.87
N SER F 61 -24.74 11.01 18.73
CA SER F 61 -26.12 10.56 18.88
C SER F 61 -26.63 10.65 20.31
N GLY F 62 -27.89 11.06 20.37
CA GLY F 62 -28.59 11.45 21.55
C GLY F 62 -28.74 12.95 21.65
N VAL F 63 -27.94 13.70 20.91
CA VAL F 63 -27.88 15.16 20.96
C VAL F 63 -28.91 15.76 20.00
N PRO F 64 -29.68 16.75 20.44
CA PRO F 64 -30.77 17.30 19.61
C PRO F 64 -30.30 17.86 18.28
N ASP F 65 -31.25 17.97 17.35
CA ASP F 65 -30.93 18.35 15.98
C ASP F 65 -30.63 19.83 15.80
N ARG F 66 -30.97 20.64 16.80
CA ARG F 66 -30.75 22.07 16.76
C ARG F 66 -29.32 22.48 17.03
N PHE F 67 -28.55 21.62 17.70
CA PHE F 67 -27.18 22.00 17.98
C PHE F 67 -26.45 21.65 16.70
N SER F 68 -26.01 22.70 16.01
CA SER F 68 -25.29 22.56 14.76
C SER F 68 -23.91 23.13 14.98
N GLY F 69 -22.91 22.29 14.79
CA GLY F 69 -21.53 22.72 14.77
C GLY F 69 -21.09 22.92 13.34
N SER F 70 -20.15 23.85 13.16
CA SER F 70 -19.56 24.12 11.86
C SER F 70 -18.26 24.86 12.11
N GLY F 71 -17.61 25.23 11.02
CA GLY F 71 -16.40 26.03 11.06
C GLY F 71 -15.24 25.35 10.36
N SER F 72 -14.19 26.13 10.18
CA SER F 72 -13.02 25.72 9.41
C SER F 72 -11.87 26.67 9.72
N GLY F 73 -10.69 26.30 9.22
CA GLY F 73 -9.53 27.16 9.37
C GLY F 73 -9.17 27.32 10.82
N THR F 74 -9.19 28.56 11.28
CA THR F 74 -9.03 28.89 12.69
C THR F 74 -10.35 29.19 13.38
N ASP F 75 -11.49 29.06 12.69
CA ASP F 75 -12.76 29.58 13.17
C ASP F 75 -13.83 28.50 13.27
N PHE F 76 -14.55 28.47 14.40
CA PHE F 76 -15.60 27.49 14.57
C PHE F 76 -16.75 28.13 15.31
N ILE F 77 -17.96 27.68 14.99
CA ILE F 77 -19.18 28.27 15.50
C ILE F 77 -20.05 27.13 16.02
N LEU F 78 -20.56 27.29 17.23
CA LEU F 78 -21.67 26.49 17.69
C LEU F 78 -22.91 27.35 17.52
N LYS F 79 -23.92 26.82 16.84
CA LYS F 79 -25.18 27.53 16.69
C LYS F 79 -26.26 26.70 17.36
N ILE F 80 -27.13 27.38 18.10
CA ILE F 80 -28.29 26.75 18.72
C ILE F 80 -29.52 27.46 18.18
N SER F 81 -30.41 26.72 17.54
CA SER F 81 -31.66 27.34 17.06
C SER F 81 -32.65 27.42 18.22
N ARG F 82 -33.21 26.29 18.64
CA ARG F 82 -34.13 26.30 19.77
C ARG F 82 -33.38 26.13 21.09
N VAL F 83 -33.54 27.12 21.94
CA VAL F 83 -32.75 27.26 23.14
C VAL F 83 -33.66 27.02 24.34
N GLU F 84 -33.23 26.15 25.26
CA GLU F 84 -34.17 25.56 26.21
C GLU F 84 -33.71 25.66 27.66
N ALA F 85 -34.67 25.35 28.55
CA ALA F 85 -34.35 25.10 29.95
C ALA F 85 -33.23 24.08 30.07
N GLU F 86 -33.25 23.04 29.25
CA GLU F 86 -32.22 22.02 29.29
C GLU F 86 -30.93 22.43 28.57
N ASP F 87 -30.90 23.57 27.88
CA ASP F 87 -29.69 24.05 27.22
C ASP F 87 -28.86 25.06 28.01
N LEU F 88 -29.41 25.67 29.06
CA LEU F 88 -28.65 26.70 29.74
C LEU F 88 -27.47 26.08 30.47
N GLY F 89 -26.38 26.83 30.52
CA GLY F 89 -25.15 26.33 31.09
C GLY F 89 -23.95 26.98 30.41
N VAL F 90 -22.81 26.31 30.52
CA VAL F 90 -21.55 26.80 29.98
C VAL F 90 -21.09 25.85 28.88
N TYR F 91 -20.81 26.41 27.71
CA TYR F 91 -20.36 25.67 26.55
C TYR F 91 -18.86 25.85 26.37
N TYR F 92 -18.12 24.75 26.23
CA TYR F 92 -16.70 24.79 25.96
C TYR F 92 -16.41 24.14 24.62
N CYS F 93 -15.57 24.78 23.81
CA CYS F 93 -14.97 24.07 22.70
C CYS F 93 -13.68 23.39 23.16
N PHE F 94 -13.14 22.54 22.28
CA PHE F 94 -11.99 21.74 22.64
C PHE F 94 -11.30 21.28 21.36
N GLN F 95 -9.97 21.27 21.35
CA GLN F 95 -9.22 20.71 20.24
C GLN F 95 -8.43 19.50 20.73
N GLY F 96 -8.54 18.39 19.99
CA GLY F 96 -7.77 17.19 20.28
C GLY F 96 -6.77 16.83 19.19
N SER F 97 -6.46 17.78 18.30
CA SER F 97 -5.55 17.51 17.21
C SER F 97 -4.08 17.65 17.58
N HIS F 98 -3.74 18.51 18.55
CA HIS F 98 -2.36 18.75 18.90
C HIS F 98 -2.22 18.65 20.42
N VAL F 99 -1.35 17.77 20.88
CA VAL F 99 -0.99 17.74 22.28
C VAL F 99 -0.14 18.98 22.59
N PRO F 100 -0.36 19.59 23.77
CA PRO F 100 -1.45 19.23 24.70
C PRO F 100 -2.84 19.63 24.23
N TYR F 101 -3.83 18.82 24.59
CA TYR F 101 -5.21 19.17 24.28
C TYR F 101 -5.61 20.36 25.13
N THR F 102 -6.44 21.24 24.57
CA THR F 102 -6.76 22.49 25.25
C THR F 102 -8.23 22.82 25.09
N PHE F 103 -8.79 23.44 26.13
CA PHE F 103 -10.18 23.87 26.18
C PHE F 103 -10.27 25.37 26.01
N GLY F 104 -11.38 25.83 25.43
CA GLY F 104 -11.73 27.23 25.51
C GLY F 104 -12.11 27.64 26.92
N GLY F 105 -12.21 28.96 27.11
CA GLY F 105 -12.50 29.51 28.43
C GLY F 105 -13.93 29.34 28.89
N GLY F 106 -14.84 28.97 27.98
CA GLY F 106 -16.25 28.80 28.33
C GLY F 106 -17.13 29.95 27.90
N THR F 107 -18.36 29.65 27.51
CA THR F 107 -19.40 30.64 27.24
C THR F 107 -20.66 30.28 28.01
N LYS F 108 -21.16 31.19 28.84
CA LYS F 108 -22.35 30.93 29.65
C LYS F 108 -23.59 31.41 28.89
N LEU F 109 -24.50 30.47 28.60
CA LEU F 109 -25.75 30.79 27.94
C LEU F 109 -26.80 31.06 29.02
N GLU F 110 -27.44 32.23 28.96
CA GLU F 110 -28.31 32.66 30.03
C GLU F 110 -29.62 33.18 29.46
N ILE F 111 -30.63 33.34 30.34
CA ILE F 111 -31.96 33.77 29.91
C ILE F 111 -32.02 35.28 29.99
N LYS F 112 -32.37 35.92 28.88
CA LYS F 112 -32.45 37.37 28.85
C LYS F 112 -33.85 37.79 29.25
N ARG F 113 -33.98 38.77 30.14
CA ARG F 113 -35.31 39.15 30.56
C ARG F 113 -35.38 40.53 31.11
N ALA F 114 -36.20 41.35 30.49
CA ALA F 114 -36.43 42.72 30.91
C ALA F 114 -35.26 43.67 31.04
N ASP F 115 -35.29 44.43 32.10
CA ASP F 115 -34.24 45.29 32.55
C ASP F 115 -34.74 45.71 33.91
N ALA F 116 -33.91 45.54 34.91
CA ALA F 116 -34.30 45.87 36.23
C ALA F 116 -33.17 46.45 37.01
N ALA F 117 -33.50 47.49 37.75
CA ALA F 117 -32.55 48.14 38.63
C ALA F 117 -32.34 47.34 39.92
N PRO F 118 -31.15 47.43 40.53
CA PRO F 118 -30.91 46.74 41.79
C PRO F 118 -31.73 47.36 42.92
N THR F 119 -31.85 46.58 43.99
CA THR F 119 -32.42 47.09 45.25
C THR F 119 -31.27 47.09 46.25
N VAL F 120 -30.81 48.30 46.60
CA VAL F 120 -29.57 48.46 47.35
C VAL F 120 -29.91 48.61 48.83
N SER F 121 -29.24 47.81 49.66
CA SER F 121 -29.32 47.90 51.11
C SER F 121 -27.90 47.90 51.67
N ILE F 122 -27.67 48.75 52.65
CA ILE F 122 -26.35 48.84 53.29
C ILE F 122 -26.53 48.58 54.78
N PHE F 123 -25.53 47.93 55.38
CA PHE F 123 -25.61 47.60 56.77
C PHE F 123 -24.30 47.98 57.46
N PRO F 124 -24.36 48.65 58.60
CA PRO F 124 -23.15 48.88 59.39
C PRO F 124 -22.65 47.57 59.96
N PRO F 125 -21.49 47.56 60.61
CA PRO F 125 -21.10 46.36 61.34
C PRO F 125 -22.12 46.03 62.41
N SER F 126 -22.22 44.75 62.73
CA SER F 126 -22.95 44.33 63.92
C SER F 126 -22.16 44.75 65.17
N SER F 127 -22.89 45.01 66.25
CA SER F 127 -22.24 45.25 67.54
C SER F 127 -21.38 44.05 67.94
N GLU F 128 -21.85 42.83 67.70
CA GLU F 128 -21.10 41.66 68.14
C GLU F 128 -19.75 41.57 67.44
N GLN F 129 -19.67 42.02 66.19
CA GLN F 129 -18.40 41.95 65.47
C GLN F 129 -17.40 42.99 65.99
N LEU F 130 -17.89 44.17 66.35
CA LEU F 130 -16.99 45.18 66.91
C LEU F 130 -16.27 44.66 68.14
N THR F 131 -16.99 43.95 69.01
CA THR F 131 -16.34 43.33 70.16
C THR F 131 -15.23 42.37 69.75
N SER F 132 -15.31 41.81 68.54
CA SER F 132 -14.28 40.89 68.08
C SER F 132 -13.00 41.59 67.65
N GLY F 133 -13.05 42.89 67.38
CA GLY F 133 -11.94 43.64 66.83
C GLY F 133 -12.04 43.96 65.35
N GLY F 134 -12.98 43.33 64.63
CA GLY F 134 -13.20 43.62 63.23
C GLY F 134 -14.46 44.42 62.99
N ALA F 135 -14.57 44.96 61.77
CA ALA F 135 -15.81 45.60 61.33
C ALA F 135 -16.00 45.32 59.85
N SER F 136 -17.04 44.58 59.49
CA SER F 136 -17.42 44.39 58.10
C SER F 136 -18.63 45.25 57.76
N VAL F 137 -18.59 45.91 56.62
CA VAL F 137 -19.70 46.71 56.10
C VAL F 137 -20.28 45.98 54.91
N VAL F 138 -21.60 45.75 54.93
CA VAL F 138 -22.27 44.86 53.99
C VAL F 138 -23.24 45.67 53.15
N CYS F 139 -23.20 45.45 51.83
CA CYS F 139 -24.09 46.09 50.87
C CYS F 139 -24.67 45.01 49.97
N PHE F 140 -26.00 44.93 49.89
CA PHE F 140 -26.68 44.00 49.01
C PHE F 140 -27.24 44.76 47.82
N LEU F 141 -27.12 44.15 46.64
CA LEU F 141 -27.67 44.73 45.41
C LEU F 141 -28.45 43.57 44.80
N ASN F 142 -29.77 43.58 44.94
CA ASN F 142 -30.54 42.38 44.69
C ASN F 142 -31.53 42.56 43.55
N ASN F 143 -31.70 41.49 42.78
CA ASN F 143 -32.75 41.37 41.77
C ASN F 143 -32.62 42.48 40.72
N PHE F 144 -31.49 42.46 40.02
CA PHE F 144 -31.22 43.40 38.95
C PHE F 144 -30.93 42.64 37.66
N TYR F 145 -31.12 43.32 36.53
CA TYR F 145 -30.74 42.76 35.25
C TYR F 145 -30.22 43.87 34.35
N PRO F 146 -29.13 43.60 33.60
CA PRO F 146 -28.29 42.42 33.37
C PRO F 146 -27.24 42.17 34.44
N LYS F 147 -26.33 41.22 34.14
CA LYS F 147 -25.34 40.79 35.12
C LYS F 147 -24.48 41.96 35.55
N ASP F 148 -24.25 42.90 34.64
CA ASP F 148 -23.14 43.84 34.73
C ASP F 148 -23.45 44.96 35.72
N ILE F 149 -22.60 45.10 36.74
CA ILE F 149 -22.75 46.17 37.71
C ILE F 149 -21.39 46.40 38.34
N ASN F 150 -21.10 47.66 38.68
CA ASN F 150 -19.90 47.99 39.42
C ASN F 150 -20.32 48.64 40.72
N VAL F 151 -19.71 48.19 41.80
CA VAL F 151 -19.89 48.78 43.12
C VAL F 151 -18.57 49.40 43.57
N LYS F 152 -18.71 50.57 44.18
CA LYS F 152 -17.59 51.30 44.73
C LYS F 152 -17.86 51.70 46.16
N TRP F 153 -16.83 51.56 46.99
CA TRP F 153 -16.85 51.93 48.39
C TRP F 153 -16.16 53.28 48.55
N LYS F 154 -16.75 54.10 49.40
CA LYS F 154 -16.24 55.41 49.70
C LYS F 154 -16.32 55.78 51.16
N ILE F 155 -15.18 56.09 51.74
CA ILE F 155 -15.19 56.51 53.14
C ILE F 155 -14.90 58.00 53.18
N ASP F 156 -15.87 58.76 53.69
CA ASP F 156 -15.77 60.21 53.78
C ASP F 156 -15.39 60.79 52.42
N GLY F 157 -16.12 60.32 51.39
CA GLY F 157 -15.93 60.75 50.03
C GLY F 157 -14.80 60.08 49.31
N SER F 158 -13.82 59.53 50.02
CA SER F 158 -12.63 58.98 49.38
C SER F 158 -12.90 57.51 49.07
N GLU F 159 -12.86 57.18 47.78
CA GLU F 159 -13.03 55.81 47.34
C GLU F 159 -11.99 54.94 48.05
N ARG F 160 -12.32 53.66 48.22
CA ARG F 160 -11.43 52.76 48.92
C ARG F 160 -11.68 51.31 48.49
N GLN F 161 -10.62 50.54 48.23
CA GLN F 161 -10.81 49.18 47.74
C GLN F 161 -10.22 48.00 48.54
N ASN F 162 -9.32 48.22 49.51
CA ASN F 162 -8.79 47.09 50.25
C ASN F 162 -9.84 46.50 51.19
N GLY F 163 -9.85 45.16 51.31
CA GLY F 163 -10.81 44.48 52.14
C GLY F 163 -12.18 44.29 51.52
N VAL F 164 -12.37 44.72 50.29
CA VAL F 164 -13.64 44.54 49.59
C VAL F 164 -13.66 43.15 48.98
N LEU F 165 -14.66 42.36 49.34
CA LEU F 165 -14.93 41.09 48.69
C LEU F 165 -16.37 41.05 48.23
N ASN F 166 -16.57 40.61 46.99
CA ASN F 166 -17.89 40.58 46.38
C ASN F 166 -18.27 39.16 46.00
N SER F 167 -19.58 38.92 45.88
CA SER F 167 -20.10 37.61 45.54
C SER F 167 -21.36 37.80 44.70
N TRP F 168 -21.62 36.83 43.83
CA TRP F 168 -22.67 36.94 42.82
C TRP F 168 -23.52 35.68 42.84
N THR F 169 -24.84 35.83 42.90
CA THR F 169 -25.69 34.66 42.77
C THR F 169 -25.79 34.27 41.31
N ASP F 170 -26.02 32.98 41.07
CA ASP F 170 -26.44 32.54 39.75
C ASP F 170 -27.80 33.15 39.43
N GLN F 171 -28.11 33.20 38.13
CA GLN F 171 -29.39 33.73 37.69
C GLN F 171 -30.54 33.01 38.39
N ASP F 172 -31.53 33.78 38.82
CA ASP F 172 -32.61 33.26 39.64
C ASP F 172 -33.62 32.49 38.78
N SER F 173 -33.99 31.30 39.24
CA SER F 173 -34.86 30.43 38.45
C SER F 173 -36.24 31.03 38.27
N LYS F 174 -36.71 31.85 39.22
CA LYS F 174 -38.05 32.42 39.14
C LYS F 174 -38.10 33.67 38.27
N ASP F 175 -37.44 34.73 38.70
CA ASP F 175 -37.55 36.03 38.08
C ASP F 175 -36.42 36.34 37.11
N SER F 176 -35.44 35.45 36.98
CA SER F 176 -34.34 35.61 36.02
C SER F 176 -33.46 36.81 36.34
N THR F 177 -33.40 37.24 37.59
CA THR F 177 -32.56 38.36 37.96
C THR F 177 -31.25 37.89 38.58
N TYR F 178 -30.38 38.86 38.87
CA TYR F 178 -29.10 38.64 39.53
C TYR F 178 -29.05 39.42 40.84
N SER F 179 -28.13 39.01 41.71
CA SER F 179 -27.91 39.66 42.99
C SER F 179 -26.42 39.66 43.28
N MET F 180 -25.96 40.64 44.05
CA MET F 180 -24.56 40.63 44.48
C MET F 180 -24.45 41.19 45.89
N SER F 181 -23.35 40.82 46.54
CA SER F 181 -23.08 41.17 47.94
C SER F 181 -21.66 41.71 48.04
N SER F 182 -21.53 43.00 48.33
CA SER F 182 -20.23 43.62 48.55
C SER F 182 -19.99 43.82 50.04
N THR F 183 -18.87 43.32 50.55
CA THR F 183 -18.56 43.41 51.98
C THR F 183 -17.18 44.02 52.15
N LEU F 184 -17.12 45.22 52.73
CA LEU F 184 -15.87 45.91 53.01
C LEU F 184 -15.46 45.64 54.46
N THR F 185 -14.34 44.94 54.65
CA THR F 185 -13.88 44.49 55.97
C THR F 185 -12.67 45.28 56.45
N LEU F 186 -12.80 45.86 57.64
CA LEU F 186 -11.77 46.69 58.27
C LEU F 186 -11.46 46.21 59.69
N THR F 187 -10.51 46.89 60.35
CA THR F 187 -10.32 46.72 61.78
C THR F 187 -11.33 47.59 62.53
N LYS F 188 -11.57 47.22 63.79
CA LYS F 188 -12.31 48.12 64.68
C LYS F 188 -11.66 49.49 64.73
N ASP F 189 -10.35 49.53 65.01
CA ASP F 189 -9.62 50.80 65.09
C ASP F 189 -9.78 51.63 63.82
N GLU F 190 -9.44 51.05 62.66
CA GLU F 190 -9.55 51.80 61.40
C GLU F 190 -10.98 52.21 61.10
N TYR F 191 -11.97 51.38 61.47
CA TYR F 191 -13.35 51.73 61.17
C TYR F 191 -13.81 52.96 61.93
N GLU F 192 -13.47 53.05 63.21
CA GLU F 192 -13.89 54.17 64.03
C GLU F 192 -12.91 55.35 63.97
N ARG F 193 -11.90 55.27 63.10
CA ARG F 193 -11.13 56.43 62.70
C ARG F 193 -11.82 57.25 61.61
N HIS F 194 -13.00 56.81 61.16
CA HIS F 194 -13.72 57.43 60.05
C HIS F 194 -15.21 57.41 60.33
N ASN F 195 -15.97 58.14 59.51
CA ASN F 195 -17.34 58.50 59.87
C ASN F 195 -18.39 58.09 58.83
N SER F 196 -18.33 58.63 57.61
CA SER F 196 -19.34 58.34 56.60
C SER F 196 -18.90 57.18 55.70
N TYR F 197 -19.83 56.25 55.44
CA TYR F 197 -19.55 55.01 54.73
C TYR F 197 -20.64 54.77 53.68
N THR F 198 -20.22 54.55 52.43
CA THR F 198 -21.14 54.51 51.29
C THR F 198 -20.81 53.33 50.37
N CYS F 199 -21.85 52.71 49.80
CA CYS F 199 -21.71 51.88 48.61
C CYS F 199 -22.51 52.48 47.46
N GLU F 200 -21.96 52.40 46.25
CA GLU F 200 -22.59 52.92 45.05
C GLU F 200 -22.60 51.93 43.89
N ALA F 201 -23.81 51.72 43.36
CA ALA F 201 -24.06 50.85 42.23
C ALA F 201 -24.22 51.71 40.99
N THR F 202 -23.36 51.49 40.01
CA THR F 202 -23.57 52.04 38.68
C THR F 202 -24.05 50.85 37.84
N HIS F 203 -25.25 50.99 37.27
CA HIS F 203 -25.90 49.91 36.55
C HIS F 203 -26.58 50.49 35.31
N LYS F 204 -26.74 49.64 34.31
CA LYS F 204 -27.31 50.04 33.03
C LYS F 204 -28.66 50.79 33.15
N THR F 205 -29.46 50.51 34.17
CA THR F 205 -30.80 51.10 34.33
C THR F 205 -30.81 52.56 34.82
N SER F 206 -29.68 53.17 35.14
CA SER F 206 -29.67 54.55 35.61
C SER F 206 -28.42 55.27 35.15
N THR F 207 -28.58 56.53 34.76
CA THR F 207 -27.44 57.33 34.32
C THR F 207 -26.50 57.66 35.46
N SER F 208 -27.03 57.86 36.67
CA SER F 208 -26.30 58.34 37.83
C SER F 208 -26.34 57.29 38.96
N PRO F 209 -25.44 57.40 39.97
CA PRO F 209 -25.34 56.31 40.96
C PRO F 209 -26.64 55.97 41.67
N ILE F 210 -26.69 54.73 42.18
CA ILE F 210 -27.51 54.45 43.35
C ILE F 210 -26.60 54.46 44.58
N VAL F 211 -27.00 55.23 45.59
CA VAL F 211 -26.15 55.51 46.74
C VAL F 211 -26.86 55.11 48.02
N LYS F 212 -26.13 54.45 48.92
CA LYS F 212 -26.60 54.13 50.27
C LYS F 212 -25.46 54.36 51.25
N ASN F 213 -25.78 55.01 52.38
CA ASN F 213 -24.74 55.44 53.31
C ASN F 213 -25.28 55.48 54.73
N PHE F 214 -24.35 55.53 55.68
CA PHE F 214 -24.63 55.67 57.10
C PHE F 214 -23.46 56.37 57.77
N ASN F 215 -23.71 56.90 58.97
CA ASN F 215 -22.66 57.42 59.83
C ASN F 215 -22.68 56.70 61.17
N ARG F 216 -21.53 56.30 61.63
CA ARG F 216 -21.47 55.64 62.90
C ARG F 216 -22.38 56.39 63.87
C1 NAG G . 9.08 9.93 16.70
C2 NAG G . 9.41 11.28 17.35
C3 NAG G . 10.92 11.45 17.47
C4 NAG G . 11.55 10.26 18.19
C5 NAG G . 11.11 8.94 17.55
C6 NAG G . 11.56 7.72 18.32
C7 NAG G . 7.94 13.23 17.13
C8 NAG G . 7.43 14.32 16.22
N2 NAG G . 8.82 12.38 16.60
O3 NAG G . 11.22 12.65 18.16
O4 NAG G . 12.97 10.34 18.07
O5 NAG G . 9.68 8.87 17.47
O6 NAG G . 10.96 7.66 19.60
O7 NAG G . 7.56 13.14 18.30
C1 NAG G . 13.69 10.29 19.32
C2 NAG G . 15.16 9.98 19.03
C3 NAG G . 15.97 9.95 20.32
C4 NAG G . 15.71 11.20 21.16
C5 NAG G . 14.21 11.43 21.32
C6 NAG G . 13.94 12.71 22.11
C7 NAG G . 15.35 8.63 17.02
C8 NAG G . 15.49 7.26 16.45
N2 NAG G . 15.28 8.70 18.36
O3 NAG G . 17.37 9.88 20.00
O4 NAG G . 16.30 11.03 22.46
O5 NAG G . 13.60 11.53 20.04
O6 NAG G . 14.21 13.84 21.28
O7 NAG G . 15.29 9.63 16.31
C1 FUC G . 11.37 6.55 20.39
C2 FUC G . 10.95 6.87 21.82
C3 FUC G . 9.43 6.81 21.97
C4 FUC G . 8.89 5.51 21.39
C5 FUC G . 9.43 5.26 19.99
C6 FUC G . 8.94 3.93 19.43
O2 FUC G . 11.40 8.18 22.16
O3 FUC G . 9.09 6.88 23.36
O4 FUC G . 9.25 4.41 22.24
O5 FUC G . 10.85 5.27 20.01
C1 NAG H . 13.56 2.69 -16.26
C2 NAG H . 14.92 2.22 -16.75
C3 NAG H . 15.91 3.37 -16.76
C4 NAG H . 15.37 4.52 -17.60
C5 NAG H . 13.99 4.93 -17.07
C6 NAG H . 13.33 5.98 -17.94
C7 NAG H . 15.53 -0.13 -16.42
C8 NAG H . 16.06 -1.14 -15.45
N2 NAG H . 15.42 1.12 -15.95
O3 NAG H . 17.17 2.97 -17.26
O4 NAG H . 16.26 5.63 -17.52
O5 NAG H . 13.11 3.80 -17.07
O6 NAG H . 12.90 5.36 -19.15
O7 NAG H . 15.21 -0.43 -17.56
C1 NAG H . 16.72 6.08 -18.80
C2 NAG H . 17.06 7.55 -18.62
C3 NAG H . 17.62 8.11 -19.91
C4 NAG H . 18.83 7.31 -20.35
C5 NAG H . 18.47 5.82 -20.42
C6 NAG H . 19.69 4.93 -20.64
C7 NAG H . 15.76 8.69 -16.89
C8 NAG H . 14.53 9.48 -16.58
N2 NAG H . 15.90 8.31 -18.17
O3 NAG H . 17.97 9.48 -19.70
O4 NAG H . 19.31 7.74 -21.61
O5 NAG H . 17.87 5.36 -19.20
O6 NAG H . 19.54 3.71 -19.92
O7 NAG H . 16.60 8.41 -16.04
C1 MAN H . 20.53 8.54 -21.46
C2 MAN H . 20.16 9.91 -22.03
C3 MAN H . 21.39 10.66 -22.54
C4 MAN H . 22.14 9.83 -23.58
C5 MAN H . 21.86 8.34 -23.41
C6 MAN H . 22.99 7.51 -24.01
O2 MAN H . 19.51 10.69 -21.01
O3 MAN H . 22.25 10.97 -21.44
O4 MAN H . 21.75 10.25 -24.89
O5 MAN H . 21.74 8.04 -22.03
O6 MAN H . 22.50 6.80 -25.15
C1 FUC H . 12.28 6.34 -20.00
C2 FUC H . 12.50 5.83 -21.43
C3 FUC H . 11.63 4.60 -21.71
C4 FUC H . 10.15 4.86 -21.34
C5 FUC H . 10.07 5.35 -19.90
C6 FUC H . 8.67 5.76 -19.50
O2 FUC H . 13.85 5.51 -21.63
O3 FUC H . 11.66 4.31 -23.10
O4 FUC H . 9.61 5.83 -22.21
O5 FUC H . 10.90 6.50 -19.68
C1 NAG I . 20.96 -13.84 9.77
C2 NAG I . 22.34 -14.14 9.18
C3 NAG I . 23.26 -14.68 10.26
C4 NAG I . 23.34 -13.71 11.43
C5 NAG I . 21.95 -13.36 11.95
C6 NAG I . 21.99 -12.24 12.97
C7 NAG I . 22.42 -14.66 6.79
C8 NAG I . 22.32 -15.73 5.75
N2 NAG I . 22.26 -15.06 8.06
O3 NAG I . 24.56 -14.89 9.72
O4 NAG I . 24.09 -14.30 12.49
O5 NAG I . 21.09 -12.91 10.88
O6 NAG I . 20.74 -11.58 13.09
O7 NAG I . 22.65 -13.49 6.50
C1 NAG J . 7.19 -25.54 11.77
C2 NAG J . 6.39 -25.72 13.08
C3 NAG J . 7.28 -26.29 14.19
C4 NAG J . 8.02 -27.54 13.71
C5 NAG J . 8.77 -27.23 12.41
C6 NAG J . 9.47 -28.43 11.84
C7 NAG J . 4.56 -24.08 13.20
C8 NAG J . 4.14 -22.74 13.72
N2 NAG J . 5.81 -24.46 13.50
O3 NAG J . 6.47 -26.63 15.31
O4 NAG J . 8.96 -27.95 14.69
O5 NAG J . 7.83 -26.77 11.42
O6 NAG J . 10.27 -28.08 10.72
O7 NAG J . 3.81 -24.79 12.53
#